data_7EDZ
#
_entry.id   7EDZ
#
_cell.length_a   100.000
_cell.length_b   100.000
_cell.length_c   146.900
_cell.angle_alpha   90.000
_cell.angle_beta   90.200
_cell.angle_gamma   90.000
#
_symmetry.space_group_name_H-M   'C 1 2 1'
#
loop_
_entity.id
_entity.type
_entity.pdbx_description
1 polymer 'Phosphopantothenate--cysteine ligase'
2 non-polymer 'PHOSPHOAMINOPHOSPHONIC ACID-ADENYLATE ESTER'
3 non-polymer 'SULFATE ION'
4 non-polymer 'MAGNESIUM ION'
5 non-polymer '4-[[(2R)-3,3-dimethyl-2-oxidanyl-4-phosphonooxy-butanoyl]amino]butanoic acid'
6 non-polymer GLYCEROL
7 water water
#
_entity_poly.entity_id   1
_entity_poly.type   'polypeptide(L)'
_entity_poly.pdbx_seq_one_letter_code
;MAEMDPVAEFPQPPGAARWAEVMARFAARLGAQGRRVVLVTSGGTKVPLEARPVRFLDNFSSGRRGATSAEAFLAAGYGV
LFLYRARSAFPYAHRFPPQTWLSALRPSGPALSGLLSLEAEENALPGFAEALRSYQEAAAAGTFLVVEFTTLADYLHLLQ
AAAQALNPLGPSAMFYLAAAVSDFYVPVSEMPEHKIQSSGGPLQITMKMVPKLLSPLVKDWAPKAFIISFKLETDPAIVI
NRARKALEIYQHQVVVANILESRQSFVLIVTKDSETKLLLSEEEIEKGVEIEEKIVDNLQSRHTAFIGDRN
;
_entity_poly.pdbx_strand_id   D,C,B,A
#
# COMPACT_ATOMS: atom_id res chain seq x y z
N ASP A 5 11.48 -12.63 23.28
CA ASP A 5 12.77 -13.36 23.08
C ASP A 5 13.98 -12.71 23.84
N PRO A 6 14.39 -11.43 23.55
CA PRO A 6 15.45 -10.82 24.44
C PRO A 6 14.96 -10.49 25.89
N VAL A 7 13.65 -10.27 26.02
CA VAL A 7 12.98 -9.93 27.30
C VAL A 7 12.68 -11.20 28.13
N ALA A 8 12.72 -12.39 27.53
CA ALA A 8 12.33 -13.66 28.21
C ALA A 8 13.17 -14.06 29.40
N GLU A 9 14.43 -13.66 29.44
CA GLU A 9 15.29 -13.98 30.57
C GLU A 9 15.06 -13.17 31.82
N PHE A 10 14.29 -12.10 31.71
CA PHE A 10 13.92 -11.26 32.84
C PHE A 10 12.58 -11.71 33.37
N PRO A 11 12.39 -11.74 34.69
CA PRO A 11 11.04 -12.14 35.22
C PRO A 11 9.95 -11.12 34.89
N GLN A 12 8.73 -11.56 34.69
CA GLN A 12 7.59 -10.68 34.44
C GLN A 12 7.12 -10.01 35.68
N PRO A 13 6.68 -8.76 35.59
CA PRO A 13 6.11 -8.11 36.78
C PRO A 13 4.73 -8.70 37.11
N PRO A 14 4.30 -8.56 38.37
CA PRO A 14 2.99 -9.08 38.78
C PRO A 14 1.86 -8.38 38.00
N GLY A 15 0.94 -9.15 37.46
CA GLY A 15 -0.16 -8.57 36.71
C GLY A 15 0.17 -8.08 35.30
N ALA A 16 1.24 -8.57 34.70
CA ALA A 16 1.68 -8.12 33.37
C ALA A 16 0.58 -8.28 32.29
N ALA A 17 -0.07 -9.45 32.27
CA ALA A 17 -1.20 -9.67 31.37
C ALA A 17 -2.41 -8.69 31.60
N ARG A 18 -2.75 -8.41 32.85
CA ARG A 18 -3.78 -7.44 33.18
C ARG A 18 -3.39 -6.03 32.69
N TRP A 19 -2.15 -5.60 32.94
CA TRP A 19 -1.69 -4.30 32.45
C TRP A 19 -1.75 -4.19 30.92
N ALA A 20 -1.28 -5.21 30.23
CA ALA A 20 -1.26 -5.15 28.77
C ALA A 20 -2.67 -4.90 28.24
N GLU A 21 -3.68 -5.60 28.79
CA GLU A 21 -5.05 -5.37 28.40
C GLU A 21 -5.59 -3.96 28.73
N VAL A 22 -5.34 -3.47 29.94
CA VAL A 22 -5.75 -2.13 30.32
C VAL A 22 -5.13 -1.10 29.37
N MET A 23 -3.84 -1.25 29.06
CA MET A 23 -3.19 -0.31 28.12
C MET A 23 -3.80 -0.35 26.70
N ALA A 24 -4.15 -1.54 26.25
CA ALA A 24 -4.76 -1.75 24.90
C ALA A 24 -6.14 -1.12 24.80
N ARG A 25 -6.92 -1.21 25.85
CA ARG A 25 -8.23 -0.61 25.92
C ARG A 25 -8.13 0.92 25.92
N PHE A 26 -7.21 1.46 26.69
CA PHE A 26 -6.93 2.94 26.76
C PHE A 26 -6.62 3.53 25.42
N ALA A 27 -5.64 2.96 24.74
CA ALA A 27 -5.24 3.47 23.46
C ALA A 27 -6.33 3.31 22.37
N ALA A 28 -7.00 2.17 22.33
CA ALA A 28 -8.05 1.95 21.34
C ALA A 28 -9.21 2.94 21.51
N ARG A 29 -9.61 3.21 22.76
CA ARG A 29 -10.65 4.22 23.01
C ARG A 29 -10.22 5.62 22.55
N LEU A 30 -8.97 6.03 22.84
CA LEU A 30 -8.45 7.36 22.43
C LEU A 30 -8.26 7.51 20.92
N GLY A 31 -7.74 6.47 20.29
CA GLY A 31 -7.65 6.43 18.81
C GLY A 31 -9.02 6.52 18.11
N ALA A 32 -10.02 5.82 18.63
CA ALA A 32 -11.44 5.95 18.17
C ALA A 32 -12.01 7.37 18.27
N GLN A 33 -11.56 8.19 19.21
CA GLN A 33 -11.95 9.62 19.22
C GLN A 33 -11.08 10.48 18.32
N GLY A 34 -10.14 9.91 17.57
CA GLY A 34 -9.16 10.66 16.82
C GLY A 34 -8.02 11.38 17.58
N ARG A 35 -7.79 11.09 18.85
CA ARG A 35 -6.77 11.78 19.58
C ARG A 35 -5.40 11.18 19.49
N ARG A 36 -4.37 12.01 19.49
CA ARG A 36 -3.01 11.47 19.55
C ARG A 36 -2.70 10.88 20.96
N VAL A 37 -1.82 9.88 21.04
CA VAL A 37 -1.43 9.25 22.30
C VAL A 37 0.08 9.18 22.41
N VAL A 38 0.61 9.53 23.59
CA VAL A 38 2.07 9.51 23.83
C VAL A 38 2.33 8.59 24.99
N LEU A 39 3.32 7.71 24.85
CA LEU A 39 3.91 6.97 25.99
C LEU A 39 5.04 7.82 26.52
N VAL A 40 4.88 8.31 27.74
CA VAL A 40 5.95 9.03 28.47
C VAL A 40 6.53 8.06 29.43
N THR A 41 7.82 7.76 29.30
CA THR A 41 8.54 6.96 30.33
C THR A 41 9.39 7.88 31.19
N SER A 42 9.42 7.60 32.49
CA SER A 42 9.94 8.55 33.45
C SER A 42 10.53 7.87 34.68
N GLY A 43 11.65 8.43 35.18
CA GLY A 43 12.34 7.85 36.34
C GLY A 43 13.41 6.84 35.93
N GLY A 44 14.10 6.29 36.91
CA GLY A 44 15.16 5.35 36.62
C GLY A 44 14.81 3.93 36.98
N THR A 45 15.48 2.96 36.32
CA THR A 45 15.35 1.55 36.66
C THR A 45 16.49 1.15 37.63
N LYS A 46 16.26 0.06 38.36
CA LYS A 46 17.29 -0.56 39.10
C LYS A 46 17.43 -2.05 38.89
N VAL A 47 18.64 -2.59 39.16
CA VAL A 47 18.90 -4.02 39.04
C VAL A 47 19.50 -4.60 40.33
N PRO A 48 19.08 -5.83 40.68
CA PRO A 48 19.56 -6.47 41.89
C PRO A 48 20.91 -7.11 41.68
N LEU A 49 21.65 -7.29 42.78
CA LEU A 49 22.89 -8.06 42.76
C LEU A 49 22.77 -9.45 43.42
N GLU A 50 21.71 -9.67 44.19
CA GLU A 50 21.46 -10.89 44.93
C GLU A 50 20.03 -11.44 44.66
N ALA A 51 19.81 -12.74 44.82
CA ALA A 51 18.47 -13.33 44.60
C ALA A 51 17.43 -12.84 45.64
N ARG A 52 17.85 -12.48 46.85
CA ARG A 52 16.98 -11.92 47.88
C ARG A 52 17.65 -10.58 48.04
N PRO A 53 17.14 -9.57 47.34
CA PRO A 53 18.05 -8.40 47.20
C PRO A 53 17.99 -7.37 48.32
N VAL A 54 19.13 -6.94 48.83
CA VAL A 54 19.15 -5.82 49.77
C VAL A 54 19.82 -4.59 49.16
N ARG A 55 20.40 -4.70 47.98
CA ARG A 55 21.05 -3.57 47.31
C ARG A 55 20.82 -3.60 45.79
N PHE A 56 20.87 -2.45 45.15
CA PHE A 56 20.54 -2.38 43.75
C PHE A 56 21.50 -1.36 43.08
N LEU A 57 21.90 -1.62 41.84
CA LEU A 57 22.54 -0.58 41.02
C LEU A 57 21.39 0.21 40.34
N ASP A 58 21.27 1.52 40.67
CA ASP A 58 20.14 2.40 40.32
C ASP A 58 20.61 3.54 39.39
N ASN A 59 20.01 3.71 38.22
CA ASN A 59 20.34 4.88 37.37
C ASN A 59 19.59 6.10 37.88
N PHE A 60 20.30 7.23 37.95
CA PHE A 60 19.75 8.47 38.48
C PHE A 60 18.69 9.15 37.57
N SER A 61 17.55 9.53 38.18
CA SER A 61 16.50 10.34 37.52
C SER A 61 15.46 10.72 38.59
N SER A 62 15.24 12.02 38.80
CA SER A 62 14.22 12.45 39.78
C SER A 62 12.78 12.13 39.25
N GLY A 63 12.59 12.08 37.93
CA GLY A 63 11.28 12.01 37.32
C GLY A 63 10.65 13.37 36.99
N ARG A 64 11.34 14.47 37.30
CA ARG A 64 10.79 15.79 37.02
C ARG A 64 10.57 16.02 35.53
N ARG A 65 11.53 15.65 34.70
CA ARG A 65 11.38 15.87 33.26
C ARG A 65 10.13 15.13 32.79
N GLY A 66 10.01 13.86 33.11
CA GLY A 66 8.81 13.11 32.69
C GLY A 66 7.47 13.65 33.20
N ALA A 67 7.40 13.96 34.50
CA ALA A 67 6.17 14.47 35.14
C ALA A 67 5.74 15.79 34.51
N THR A 68 6.71 16.70 34.32
CA THR A 68 6.43 18.01 33.73
C THR A 68 6.06 17.86 32.27
N SER A 69 6.70 16.94 31.54
CA SER A 69 6.31 16.65 30.15
C SER A 69 4.90 16.06 30.05
N ALA A 70 4.54 15.15 30.94
CA ALA A 70 3.16 14.61 30.94
C ALA A 70 2.10 15.69 31.11
N GLU A 71 2.38 16.68 31.97
CA GLU A 71 1.48 17.83 32.17
C GLU A 71 1.35 18.64 30.91
N ALA A 72 2.50 18.94 30.26
CA ALA A 72 2.46 19.71 29.05
C ALA A 72 1.79 18.95 27.88
N PHE A 73 1.99 17.64 27.75
CA PHE A 73 1.24 16.83 26.76
C PHE A 73 -0.27 16.82 26.98
N LEU A 74 -0.69 16.63 28.21
CA LEU A 74 -2.11 16.75 28.57
C LEU A 74 -2.72 18.12 28.21
N ALA A 75 -2.04 19.22 28.51
CA ALA A 75 -2.54 20.54 28.12
C ALA A 75 -2.59 20.71 26.58
N ALA A 76 -1.68 20.06 25.83
CA ALA A 76 -1.70 20.08 24.36
C ALA A 76 -2.77 19.16 23.70
N GLY A 77 -3.62 18.48 24.46
CA GLY A 77 -4.64 17.59 23.91
C GLY A 77 -4.31 16.12 23.70
N TYR A 78 -3.12 15.68 24.10
CA TYR A 78 -2.76 14.26 23.89
C TYR A 78 -3.38 13.40 25.00
N GLY A 79 -3.59 12.14 24.70
CA GLY A 79 -3.74 11.17 25.74
C GLY A 79 -2.37 10.71 26.19
N VAL A 80 -2.19 10.46 27.49
CA VAL A 80 -0.88 10.13 28.02
C VAL A 80 -0.89 8.82 28.77
N LEU A 81 -0.05 7.91 28.32
CA LEU A 81 0.24 6.65 28.99
C LEU A 81 1.57 6.88 29.74
N PHE A 82 1.50 6.95 31.06
CA PHE A 82 2.62 7.42 31.91
C PHE A 82 3.23 6.18 32.60
N LEU A 83 4.34 5.69 32.09
CA LEU A 83 5.05 4.50 32.61
C LEU A 83 6.19 5.00 33.47
N TYR A 84 6.07 4.87 34.78
CA TYR A 84 6.96 5.61 35.69
C TYR A 84 7.49 4.82 36.85
N ARG A 85 8.67 5.20 37.31
CA ARG A 85 9.30 4.59 38.50
C ARG A 85 8.46 4.90 39.71
N ALA A 86 8.04 3.86 40.45
CA ALA A 86 7.13 4.04 41.60
C ALA A 86 7.79 5.00 42.59
N ARG A 87 7.05 5.99 43.02
CA ARG A 87 7.52 7.00 43.95
C ARG A 87 8.40 8.15 43.42
N SER A 88 8.79 8.11 42.15
CA SER A 88 9.45 9.19 41.51
C SER A 88 8.39 10.30 41.25
N ALA A 89 8.80 11.42 40.67
CA ALA A 89 7.94 12.58 40.59
C ALA A 89 6.65 12.29 39.83
N PHE A 90 5.52 12.72 40.41
CA PHE A 90 4.19 12.48 39.87
C PHE A 90 3.61 13.81 39.36
N PRO A 91 3.00 13.79 38.17
CA PRO A 91 2.34 14.98 37.57
C PRO A 91 1.43 15.75 38.53
N TYR A 92 1.57 17.10 38.58
CA TYR A 92 0.79 18.01 39.39
C TYR A 92 1.17 17.97 40.89
N ALA A 93 1.34 16.78 41.47
CA ALA A 93 1.70 16.66 42.87
C ALA A 93 3.13 16.99 43.23
N HIS A 94 4.07 16.87 42.30
CA HIS A 94 5.49 16.94 42.61
C HIS A 94 5.91 18.31 43.10
N ARG A 95 5.14 19.36 42.87
CA ARG A 95 5.46 20.67 43.45
C ARG A 95 4.99 20.83 44.91
N PHE A 96 4.32 19.83 45.49
CA PHE A 96 3.80 19.94 46.85
C PHE A 96 4.33 18.74 47.67
N PRO A 97 5.58 18.80 48.12
CA PRO A 97 6.00 17.69 48.96
C PRO A 97 5.26 17.55 50.34
N PRO A 98 5.36 16.38 51.00
CA PRO A 98 4.71 16.07 52.29
C PRO A 98 4.80 17.16 53.39
N GLN A 99 5.98 17.70 53.63
CA GLN A 99 6.09 18.70 54.66
C GLN A 99 5.34 20.00 54.28
N THR A 100 5.26 20.34 52.99
CA THR A 100 4.50 21.54 52.59
C THR A 100 3.01 21.38 52.92
N TRP A 101 2.40 20.26 52.51
CA TRP A 101 0.97 20.13 52.75
C TRP A 101 0.62 19.75 54.19
N LEU A 102 1.46 18.95 54.84
CA LEU A 102 1.29 18.67 56.29
C LEU A 102 1.20 19.94 57.17
N SER A 103 1.97 20.95 56.86
CA SER A 103 1.90 22.12 57.68
C SER A 103 0.88 23.15 57.21
N ALA A 104 0.55 23.18 55.95
CA ALA A 104 -0.43 24.15 55.41
C ALA A 104 -1.91 23.81 55.64
N LEU A 105 -2.31 22.53 55.45
CA LEU A 105 -3.73 22.12 55.56
C LEU A 105 -4.20 22.01 57.00
N ARG A 106 -5.35 22.57 57.32
CA ARG A 106 -5.95 22.42 58.66
C ARG A 106 -7.43 22.07 58.62
N PRO A 107 -7.86 21.10 59.43
CA PRO A 107 -9.34 20.81 59.47
C PRO A 107 -10.11 22.02 59.96
N SER A 108 -11.27 22.33 59.35
CA SER A 108 -12.09 23.44 59.77
C SER A 108 -13.20 23.02 60.80
N GLY A 109 -13.30 21.74 61.11
CA GLY A 109 -14.16 21.19 62.15
C GLY A 109 -14.04 19.67 62.04
N PRO A 110 -14.71 18.93 62.90
CA PRO A 110 -14.83 17.49 62.67
C PRO A 110 -15.68 17.18 61.41
N ALA A 111 -15.48 16.01 60.84
CA ALA A 111 -16.18 15.58 59.64
C ALA A 111 -17.70 15.33 59.98
N LEU A 112 -18.57 16.01 59.28
CA LEU A 112 -20.00 15.98 59.51
C LEU A 112 -20.61 15.55 58.20
N SER A 113 -21.61 14.67 58.29
CA SER A 113 -22.35 14.20 57.11
C SER A 113 -21.37 13.48 56.15
N GLY A 114 -20.33 12.84 56.70
CA GLY A 114 -19.33 12.11 55.92
C GLY A 114 -18.37 13.01 55.08
N LEU A 115 -18.33 14.30 55.36
CA LEU A 115 -17.52 15.28 54.59
C LEU A 115 -16.47 15.94 55.47
N LEU A 116 -15.20 15.87 55.08
CA LEU A 116 -14.11 16.51 55.74
C LEU A 116 -13.83 17.86 55.08
N SER A 117 -13.82 18.93 55.84
CA SER A 117 -13.48 20.25 55.33
C SER A 117 -12.15 20.74 55.86
N LEU A 118 -11.38 21.34 54.98
CA LEU A 118 -10.01 21.72 55.22
C LEU A 118 -9.85 23.15 54.74
N GLU A 119 -8.90 23.88 55.34
CA GLU A 119 -8.50 25.25 54.82
C GLU A 119 -7.01 25.43 54.89
N ALA A 120 -6.51 26.34 54.07
CA ALA A 120 -5.11 26.73 54.05
C ALA A 120 -4.97 28.19 53.59
N GLU A 121 -3.91 28.88 54.05
CA GLU A 121 -3.50 30.17 53.47
C GLU A 121 -3.15 29.90 52.00
N GLU A 122 -3.76 30.63 51.07
CA GLU A 122 -3.49 30.46 49.64
C GLU A 122 -1.99 30.64 49.29
N ASN A 123 -1.35 31.60 49.95
CA ASN A 123 0.08 31.86 49.73
CA ASN A 123 0.07 31.86 49.72
C ASN A 123 1.00 30.76 50.25
N ALA A 124 0.53 29.87 51.14
CA ALA A 124 1.31 28.64 51.52
C ALA A 124 1.28 27.45 50.47
N LEU A 125 0.25 27.36 49.63
CA LEU A 125 0.16 26.34 48.59
C LEU A 125 -0.20 26.96 47.21
N PRO A 126 0.73 27.76 46.66
CA PRO A 126 0.40 28.46 45.40
C PRO A 126 0.20 27.45 44.28
N GLY A 127 -0.87 27.62 43.51
CA GLY A 127 -1.20 26.70 42.43
C GLY A 127 -1.88 25.39 42.83
N PHE A 128 -2.20 25.18 44.09
CA PHE A 128 -2.71 23.91 44.57
C PHE A 128 -4.08 23.59 43.95
N ALA A 129 -5.00 24.54 44.00
CA ALA A 129 -6.32 24.38 43.39
C ALA A 129 -6.28 24.07 41.89
N GLU A 130 -5.43 24.79 41.16
CA GLU A 130 -5.28 24.56 39.72
CA GLU A 130 -5.25 24.53 39.70
C GLU A 130 -4.69 23.10 39.45
N ALA A 131 -3.80 22.63 40.31
CA ALA A 131 -3.27 21.26 40.23
C ALA A 131 -4.38 20.20 40.42
N LEU A 132 -5.21 20.33 41.48
CA LEU A 132 -6.28 19.42 41.71
C LEU A 132 -7.26 19.40 40.52
N ARG A 133 -7.57 20.56 40.00
CA ARG A 133 -8.46 20.67 38.86
C ARG A 133 -7.92 20.01 37.61
N SER A 134 -6.66 20.25 37.28
CA SER A 134 -6.09 19.66 36.07
C SER A 134 -6.07 18.17 36.16
N TYR A 135 -5.67 17.63 37.31
CA TYR A 135 -5.58 16.18 37.46
C TYR A 135 -6.98 15.59 37.34
N GLN A 136 -7.94 16.18 38.02
CA GLN A 136 -9.34 15.65 38.02
C GLN A 136 -10.01 15.70 36.60
N GLU A 137 -9.73 16.74 35.82
CA GLU A 137 -10.21 16.86 34.43
C GLU A 137 -9.66 15.73 33.53
N ALA A 138 -8.40 15.35 33.70
CA ALA A 138 -7.79 14.29 32.94
C ALA A 138 -8.33 12.91 33.30
N ALA A 139 -8.45 12.62 34.59
CA ALA A 139 -9.14 11.40 35.10
C ALA A 139 -10.58 11.31 34.54
N ALA A 140 -11.34 12.41 34.58
CA ALA A 140 -12.75 12.38 34.10
C ALA A 140 -12.86 12.14 32.56
N ALA A 141 -11.94 12.71 31.78
CA ALA A 141 -11.89 12.51 30.32
C ALA A 141 -11.27 11.13 29.94
N GLY A 142 -10.65 10.41 30.88
CA GLY A 142 -9.97 9.14 30.62
C GLY A 142 -8.76 9.33 29.69
N THR A 143 -8.06 10.46 29.79
CA THR A 143 -6.85 10.75 28.99
C THR A 143 -5.51 10.48 29.65
N PHE A 144 -5.50 9.90 30.85
CA PHE A 144 -4.26 9.77 31.64
C PHE A 144 -4.21 8.42 32.29
N LEU A 145 -3.37 7.52 31.81
CA LEU A 145 -3.26 6.19 32.48
C LEU A 145 -1.85 6.02 33.09
N VAL A 146 -1.78 5.64 34.35
CA VAL A 146 -0.53 5.55 35.06
C VAL A 146 -0.16 4.08 35.28
N VAL A 147 1.08 3.72 35.02
CA VAL A 147 1.58 2.35 35.12
C VAL A 147 2.93 2.38 35.84
N GLU A 148 3.07 1.74 37.00
CA GLU A 148 4.30 1.84 37.83
C GLU A 148 5.26 0.76 37.49
N PHE A 149 6.56 1.05 37.52
CA PHE A 149 7.56 0.00 37.47
C PHE A 149 8.58 0.27 38.59
N THR A 150 9.43 -0.70 38.89
CA THR A 150 10.56 -0.51 39.76
C THR A 150 11.89 -1.03 39.17
N THR A 151 11.95 -2.33 38.86
CA THR A 151 13.17 -2.94 38.32
C THR A 151 13.31 -2.79 36.79
N LEU A 152 14.54 -2.97 36.30
CA LEU A 152 14.77 -3.11 34.86
C LEU A 152 13.82 -4.19 34.25
N ALA A 153 13.77 -5.36 34.88
CA ALA A 153 12.80 -6.41 34.45
C ALA A 153 11.33 -5.96 34.26
N ASP A 154 10.78 -5.25 35.24
CA ASP A 154 9.44 -4.68 35.16
C ASP A 154 9.34 -3.69 33.97
N TYR A 155 10.34 -2.83 33.86
CA TYR A 155 10.34 -1.80 32.79
C TYR A 155 10.33 -2.42 31.38
N LEU A 156 11.23 -3.37 31.12
CA LEU A 156 11.34 -4.03 29.78
C LEU A 156 10.06 -4.76 29.34
N HIS A 157 9.44 -5.54 30.23
CA HIS A 157 8.14 -6.11 29.95
C HIS A 157 7.01 -5.10 29.74
N LEU A 158 6.96 -4.05 30.58
CA LEU A 158 5.84 -3.07 30.41
C LEU A 158 6.01 -2.20 29.17
N LEU A 159 7.25 -1.91 28.80
CA LEU A 159 7.53 -1.16 27.58
C LEU A 159 7.09 -1.96 26.32
N GLN A 160 7.37 -3.25 26.31
CA GLN A 160 6.86 -4.13 25.25
C GLN A 160 5.35 -4.23 25.19
N ALA A 161 4.69 -4.33 26.32
CA ALA A 161 3.22 -4.28 26.37
C ALA A 161 2.65 -2.93 25.94
N ALA A 162 3.29 -1.80 26.29
CA ALA A 162 2.82 -0.47 25.84
C ALA A 162 2.95 -0.33 24.30
N ALA A 163 4.06 -0.80 23.75
CA ALA A 163 4.29 -0.74 22.30
C ALA A 163 3.25 -1.54 21.51
N GLN A 164 2.86 -2.69 22.02
CA GLN A 164 1.74 -3.49 21.48
C GLN A 164 0.44 -2.76 21.53
N ALA A 165 0.17 -2.09 22.64
CA ALA A 165 -1.01 -1.23 22.75
C ALA A 165 -1.03 -0.06 21.76
N LEU A 166 0.11 0.55 21.45
CA LEU A 166 0.14 1.79 20.60
C LEU A 166 0.36 1.52 19.11
N ASN A 167 0.84 0.32 18.79
CA ASN A 167 1.04 -0.09 17.39
C ASN A 167 -0.22 0.09 16.45
N PRO A 168 -1.45 -0.23 16.90
CA PRO A 168 -2.60 0.06 16.02
C PRO A 168 -2.86 1.52 15.63
N LEU A 169 -2.34 2.49 16.37
CA LEU A 169 -2.53 3.93 16.04
C LEU A 169 -1.57 4.46 14.96
N GLY A 170 -0.63 3.63 14.52
CA GLY A 170 0.31 3.99 13.48
C GLY A 170 1.04 5.27 13.83
N PRO A 171 1.07 6.22 12.88
CA PRO A 171 1.80 7.45 13.11
C PRO A 171 1.19 8.38 14.15
N SER A 172 -0.03 8.16 14.59
CA SER A 172 -0.64 9.02 15.64
C SER A 172 -0.09 8.79 17.06
N ALA A 173 0.66 7.71 17.23
CA ALA A 173 1.30 7.39 18.48
C ALA A 173 2.71 7.97 18.55
N MET A 174 3.09 8.41 19.74
CA MET A 174 4.41 8.99 20.00
C MET A 174 5.02 8.24 21.15
N PHE A 175 6.32 7.98 21.08
CA PHE A 175 7.06 7.45 22.25
C PHE A 175 8.03 8.55 22.71
N TYR A 176 8.02 8.87 24.01
CA TYR A 176 8.86 9.92 24.57
C TYR A 176 9.65 9.26 25.66
N LEU A 177 10.85 8.80 25.33
CA LEU A 177 11.58 7.87 26.19
C LEU A 177 12.59 8.55 27.11
N ALA A 178 12.07 9.13 28.19
CA ALA A 178 12.90 9.89 29.16
C ALA A 178 13.47 9.07 30.29
N ALA A 179 13.06 7.80 30.42
CA ALA A 179 13.52 6.94 31.49
C ALA A 179 15.01 6.71 31.41
N ALA A 180 15.61 6.61 32.58
CA ALA A 180 17.02 6.32 32.71
C ALA A 180 17.20 4.81 32.91
N VAL A 181 17.53 4.05 31.87
CA VAL A 181 17.41 2.60 31.88
C VAL A 181 18.75 1.96 32.20
N SER A 182 18.77 1.03 33.16
CA SER A 182 20.04 0.30 33.54
C SER A 182 20.81 -0.19 32.33
N ASP A 183 22.10 0.07 32.28
CA ASP A 183 22.98 -0.35 31.19
C ASP A 183 23.64 -1.73 31.47
N PHE A 184 23.66 -2.16 32.73
CA PHE A 184 24.29 -3.41 33.11
C PHE A 184 23.36 -4.20 34.03
N TYR A 185 23.55 -5.52 34.04
CA TYR A 185 22.80 -6.40 34.95
C TYR A 185 23.53 -7.70 35.26
N VAL A 186 23.04 -8.42 36.28
CA VAL A 186 23.57 -9.74 36.68
C VAL A 186 22.47 -10.76 36.35
N PRO A 187 22.76 -11.73 35.48
CA PRO A 187 21.68 -12.69 35.08
C PRO A 187 21.29 -13.57 36.25
N VAL A 188 20.00 -13.96 36.31
CA VAL A 188 19.42 -14.79 37.41
C VAL A 188 20.35 -15.96 37.86
N SER A 189 20.96 -16.65 36.91
CA SER A 189 21.92 -17.74 37.23
C SER A 189 23.27 -17.43 37.88
N GLU A 190 23.78 -16.20 37.77
CA GLU A 190 25.07 -15.86 38.40
C GLU A 190 24.93 -15.14 39.73
N MET A 191 23.74 -14.99 40.28
CA MET A 191 23.57 -14.20 41.53
C MET A 191 23.77 -15.07 42.76
N PRO A 192 24.41 -14.58 43.82
CA PRO A 192 24.34 -15.34 45.07
C PRO A 192 22.94 -15.36 45.65
N GLU A 193 22.64 -16.37 46.42
CA GLU A 193 21.34 -16.50 47.00
C GLU A 193 21.02 -15.50 48.12
N HIS A 194 21.94 -15.29 49.04
CA HIS A 194 21.75 -14.47 50.23
C HIS A 194 22.55 -13.19 50.24
N LYS A 195 22.20 -12.26 51.18
CA LYS A 195 22.90 -10.99 51.35
C LYS A 195 24.41 -11.14 51.27
N ILE A 196 25.05 -10.30 50.48
CA ILE A 196 26.52 -10.25 50.44
C ILE A 196 27.09 -9.75 51.77
N GLN A 197 28.13 -10.42 52.27
CA GLN A 197 28.75 -10.06 53.53
C GLN A 197 29.82 -9.03 53.38
N SER A 198 29.72 -7.93 54.12
CA SER A 198 30.77 -6.88 54.00
C SER A 198 32.10 -7.25 54.61
N SER A 199 32.14 -8.18 55.55
CA SER A 199 33.40 -8.64 56.18
C SER A 199 34.21 -9.54 55.26
N GLY A 200 33.61 -10.00 54.16
CA GLY A 200 34.25 -10.80 53.15
C GLY A 200 35.13 -10.10 52.10
N GLY A 201 35.62 -8.90 52.39
CA GLY A 201 36.58 -8.24 51.49
C GLY A 201 35.91 -7.33 50.48
N PRO A 202 36.69 -6.74 49.58
CA PRO A 202 36.11 -5.81 48.65
C PRO A 202 35.08 -6.48 47.77
N LEU A 203 34.08 -5.74 47.26
CA LEU A 203 33.08 -6.29 46.36
C LEU A 203 33.64 -6.23 44.95
N GLN A 204 33.73 -7.36 44.28
CA GLN A 204 34.20 -7.48 42.92
C GLN A 204 33.07 -8.08 42.14
N ILE A 205 32.48 -7.28 41.27
CA ILE A 205 31.36 -7.74 40.46
C ILE A 205 31.60 -7.41 38.97
N THR A 206 31.35 -8.39 38.10
CA THR A 206 31.23 -8.13 36.67
C THR A 206 29.74 -8.21 36.30
N MET A 207 29.27 -7.20 35.59
CA MET A 207 27.89 -7.11 35.18
C MET A 207 27.85 -7.09 33.67
N LYS A 208 26.99 -7.89 33.07
CA LYS A 208 26.82 -7.98 31.61
C LYS A 208 26.08 -6.73 31.09
N MET A 209 26.30 -6.41 29.83
CA MET A 209 25.57 -5.35 29.14
CA MET A 209 25.57 -5.34 29.13
C MET A 209 24.12 -5.75 28.93
N VAL A 210 23.19 -4.83 29.27
CA VAL A 210 21.80 -5.06 29.03
C VAL A 210 21.58 -4.89 27.51
N PRO A 211 20.88 -5.81 26.86
CA PRO A 211 20.55 -5.59 25.44
C PRO A 211 19.70 -4.30 25.17
N LYS A 212 20.06 -3.63 24.09
CA LYS A 212 19.47 -2.33 23.76
C LYS A 212 18.18 -2.54 22.97
N LEU A 213 17.06 -2.51 23.68
CA LEU A 213 15.73 -2.77 23.08
C LEU A 213 15.11 -1.65 22.25
N LEU A 214 15.78 -0.51 22.12
CA LEU A 214 15.37 0.49 21.17
C LEU A 214 15.44 -0.06 19.72
N SER A 215 16.32 -1.00 19.39
CA SER A 215 16.29 -1.62 17.98
C SER A 215 15.03 -2.39 17.62
N PRO A 216 14.68 -3.43 18.40
CA PRO A 216 13.36 -4.11 18.16
C PRO A 216 12.11 -3.21 18.33
N LEU A 217 12.15 -2.27 19.27
CA LEU A 217 11.06 -1.30 19.42
C LEU A 217 10.77 -0.57 18.10
N VAL A 218 11.82 0.00 17.50
CA VAL A 218 11.71 0.76 16.27
C VAL A 218 11.44 -0.13 15.04
N LYS A 219 12.06 -1.31 14.98
CA LYS A 219 11.99 -2.17 13.76
C LYS A 219 10.76 -3.12 13.78
N ASP A 220 10.36 -3.62 14.95
CA ASP A 220 9.36 -4.70 15.05
C ASP A 220 8.13 -4.34 15.90
N TRP A 221 8.26 -3.71 17.08
CA TRP A 221 7.11 -3.57 18.00
C TRP A 221 6.19 -2.44 17.61
N ALA A 222 6.75 -1.32 17.20
CA ALA A 222 5.96 -0.17 16.81
C ALA A 222 6.60 0.55 15.63
N PRO A 223 6.66 -0.12 14.47
CA PRO A 223 7.35 0.45 13.30
C PRO A 223 6.81 1.69 12.66
N LYS A 224 5.60 2.11 12.93
CA LYS A 224 5.02 3.33 12.30
C LYS A 224 4.94 4.54 13.23
N ALA A 225 5.38 4.35 14.48
CA ALA A 225 5.19 5.35 15.45
C ALA A 225 6.27 6.46 15.35
N PHE A 226 5.92 7.61 15.88
CA PHE A 226 6.85 8.74 15.98
C PHE A 226 7.68 8.57 17.27
N ILE A 227 8.96 8.20 17.14
CA ILE A 227 9.80 7.79 18.30
C ILE A 227 10.89 8.80 18.66
N ILE A 228 10.82 9.31 19.90
CA ILE A 228 11.76 10.33 20.44
C ILE A 228 12.53 9.70 21.58
N SER A 229 13.85 9.70 21.48
CA SER A 229 14.69 9.24 22.61
C SER A 229 15.37 10.42 23.22
N PHE A 230 15.96 10.18 24.39
CA PHE A 230 16.76 11.16 25.09
C PHE A 230 18.22 10.66 25.00
N LYS A 231 19.19 11.55 25.04
CA LYS A 231 20.62 11.16 25.16
C LYS A 231 21.20 11.95 26.31
N LEU A 232 21.66 11.25 27.36
CA LEU A 232 22.30 11.86 28.52
C LEU A 232 23.77 11.70 28.45
N GLU A 233 24.50 12.82 28.52
CA GLU A 233 25.98 12.78 28.62
C GLU A 233 26.45 13.69 29.75
N THR A 234 27.67 13.53 30.22
CA THR A 234 28.27 14.43 31.22
C THR A 234 29.34 15.31 30.55
N ASP A 235 29.75 14.97 29.34
CA ASP A 235 30.90 15.61 28.67
C ASP A 235 30.40 16.46 27.48
N PRO A 236 30.48 17.81 27.58
CA PRO A 236 29.92 18.65 26.50
C PRO A 236 30.71 18.59 25.17
N ALA A 237 31.97 18.14 25.19
CA ALA A 237 32.75 17.95 23.93
C ALA A 237 32.18 16.86 22.98
N ILE A 238 31.46 15.87 23.52
CA ILE A 238 30.99 14.73 22.75
C ILE A 238 29.49 14.52 22.56
N VAL A 239 28.66 15.34 23.17
CA VAL A 239 27.23 15.04 23.18
C VAL A 239 26.59 15.06 21.80
N ILE A 240 26.98 16.02 20.94
CA ILE A 240 26.33 16.06 19.63
C ILE A 240 26.61 14.81 18.79
N ASN A 241 27.87 14.44 18.74
CA ASN A 241 28.31 13.23 18.03
C ASN A 241 27.58 11.98 18.56
N ARG A 242 27.44 11.91 19.90
CA ARG A 242 26.76 10.72 20.48
C ARG A 242 25.26 10.70 20.10
N ALA A 243 24.61 11.85 20.08
CA ALA A 243 23.20 11.93 19.70
C ALA A 243 22.99 11.54 18.22
N ARG A 244 23.86 12.04 17.34
CA ARG A 244 23.80 11.62 15.93
C ARG A 244 24.05 10.12 15.71
N LYS A 245 25.00 9.56 16.44
CA LYS A 245 25.29 8.12 16.34
C LYS A 245 24.07 7.31 16.77
N ALA A 246 23.39 7.74 17.87
CA ALA A 246 22.12 7.09 18.23
C ALA A 246 21.08 7.02 17.08
N LEU A 247 20.88 8.10 16.36
CA LEU A 247 19.95 8.04 15.23
C LEU A 247 20.41 7.07 14.10
N GLU A 248 21.72 7.07 13.85
CA GLU A 248 22.31 6.18 12.84
C GLU A 248 22.09 4.72 13.19
N ILE A 249 22.36 4.34 14.44
CA ILE A 249 22.18 2.98 14.90
C ILE A 249 20.68 2.55 15.03
N TYR A 250 19.82 3.34 15.68
CA TYR A 250 18.48 2.90 15.95
C TYR A 250 17.43 3.29 14.87
N GLN A 251 17.70 4.32 14.07
CA GLN A 251 16.85 4.70 12.93
C GLN A 251 15.49 5.28 13.29
N HIS A 252 15.42 5.87 14.47
CA HIS A 252 14.16 6.54 14.89
C HIS A 252 14.23 8.04 14.47
N GLN A 253 13.27 8.88 14.89
CA GLN A 253 13.17 10.23 14.33
C GLN A 253 13.94 11.41 15.00
N VAL A 254 13.96 11.47 16.35
CA VAL A 254 14.47 12.62 17.06
C VAL A 254 15.20 12.15 18.32
N VAL A 255 16.30 12.85 18.67
CA VAL A 255 16.94 12.73 19.98
C VAL A 255 16.88 14.06 20.71
N VAL A 256 16.37 14.07 21.95
CA VAL A 256 16.53 15.20 22.86
C VAL A 256 17.80 15.02 23.69
N ALA A 257 18.84 15.79 23.35
CA ALA A 257 20.17 15.66 24.00
C ALA A 257 20.30 16.62 25.20
N ASN A 258 20.96 16.16 26.24
CA ASN A 258 21.14 16.99 27.45
C ASN A 258 22.37 16.58 28.21
N ILE A 259 22.92 17.58 28.94
CA ILE A 259 24.09 17.45 29.82
C ILE A 259 23.59 17.46 31.23
N LEU A 260 24.09 16.55 32.05
CA LEU A 260 23.56 16.34 33.40
C LEU A 260 23.37 17.66 34.19
N GLU A 261 24.43 18.46 34.30
CA GLU A 261 24.42 19.65 35.17
C GLU A 261 23.46 20.75 34.70
N SER A 262 23.28 20.92 33.40
CA SER A 262 22.39 21.99 32.87
C SER A 262 21.00 21.54 32.39
N ARG A 263 20.60 20.33 32.73
CA ARG A 263 19.40 19.72 32.11
C ARG A 263 18.07 20.40 32.37
N GLN A 264 17.99 21.12 33.51
CA GLN A 264 16.77 21.86 33.79
C GLN A 264 16.60 23.14 32.92
N SER A 265 17.67 23.66 32.35
CA SER A 265 17.59 24.93 31.64
C SER A 265 17.93 24.88 30.14
N PHE A 266 18.42 23.73 29.67
CA PHE A 266 18.89 23.57 28.29
C PHE A 266 18.70 22.13 27.77
N VAL A 267 18.11 22.02 26.59
CA VAL A 267 18.25 20.82 25.72
C VAL A 267 18.59 21.15 24.27
N LEU A 268 19.14 20.19 23.58
CA LEU A 268 19.37 20.25 22.15
C LEU A 268 18.50 19.21 21.41
N ILE A 269 17.62 19.63 20.50
CA ILE A 269 16.79 18.74 19.69
C ILE A 269 17.63 18.37 18.44
N VAL A 270 17.97 17.09 18.31
CA VAL A 270 18.89 16.61 17.30
C VAL A 270 18.13 15.71 16.35
N THR A 271 18.23 15.97 15.06
CA THR A 271 17.80 14.99 14.03
C THR A 271 19.01 14.55 13.16
N LYS A 272 18.77 13.69 12.18
CA LYS A 272 19.86 13.30 11.22
C LYS A 272 20.53 14.50 10.56
N ASP A 273 19.77 15.53 10.23
CA ASP A 273 20.39 16.67 9.52
C ASP A 273 20.35 18.06 10.18
N SER A 274 19.86 18.19 11.43
CA SER A 274 19.85 19.47 12.11
C SER A 274 19.92 19.35 13.62
N GLU A 275 20.27 20.48 14.25
CA GLU A 275 20.25 20.68 15.74
C GLU A 275 19.55 21.95 16.10
N THR A 276 18.76 21.94 17.17
CA THR A 276 18.00 23.15 17.58
C THR A 276 18.22 23.33 19.07
N LYS A 277 18.70 24.51 19.47
CA LYS A 277 18.91 24.83 20.87
C LYS A 277 17.66 25.27 21.55
N LEU A 278 17.36 24.76 22.73
CA LEU A 278 16.20 25.24 23.48
C LEU A 278 16.74 25.64 24.83
N LEU A 279 16.73 26.95 25.09
CA LEU A 279 17.32 27.53 26.24
C LEU A 279 16.23 28.36 26.86
N LEU A 280 16.13 28.21 28.17
CA LEU A 280 15.16 29.00 28.93
C LEU A 280 15.68 30.45 29.21
N SER A 281 14.94 31.49 28.76
CA SER A 281 15.25 32.93 29.10
C SER A 281 15.41 33.37 30.60
N GLU A 282 15.98 34.57 30.77
CA GLU A 282 15.82 35.41 31.98
C GLU A 282 14.32 35.82 32.16
N GLU A 283 13.69 36.34 31.08
CA GLU A 283 12.25 36.77 31.04
C GLU A 283 11.21 35.61 31.10
N GLU A 284 11.66 34.37 30.96
CA GLU A 284 10.84 33.16 31.03
C GLU A 284 11.03 32.48 32.39
N ILE A 285 12.24 32.44 32.96
CA ILE A 285 12.40 31.85 34.33
C ILE A 285 11.58 32.69 35.35
N GLU A 286 11.46 34.01 35.13
CA GLU A 286 10.60 34.87 35.99
C GLU A 286 9.10 34.57 35.74
N LYS A 287 8.62 34.65 34.49
CA LYS A 287 7.20 34.40 34.17
C LYS A 287 6.74 32.92 34.34
N GLY A 288 7.50 32.08 35.06
CA GLY A 288 7.10 30.71 35.44
C GLY A 288 7.45 29.51 34.53
N VAL A 289 7.73 29.75 33.25
CA VAL A 289 7.77 28.65 32.26
C VAL A 289 8.89 27.61 32.51
N GLU A 290 8.60 26.37 32.16
CA GLU A 290 9.53 25.25 32.30
C GLU A 290 10.02 24.83 30.96
N ILE A 291 11.19 24.20 30.94
CA ILE A 291 11.74 23.80 29.64
C ILE A 291 10.83 22.76 28.91
N GLU A 292 10.07 21.97 29.68
CA GLU A 292 9.29 20.93 29.08
C GLU A 292 8.13 21.45 28.25
N GLU A 293 7.61 22.63 28.60
CA GLU A 293 6.59 23.23 27.70
C GLU A 293 7.21 23.55 26.32
N LYS A 294 8.44 24.04 26.29
CA LYS A 294 9.10 24.34 25.00
C LYS A 294 9.47 23.07 24.22
N ILE A 295 9.91 22.02 24.92
CA ILE A 295 10.10 20.69 24.27
C ILE A 295 8.85 20.20 23.63
N VAL A 296 7.74 20.19 24.40
CA VAL A 296 6.50 19.63 23.90
C VAL A 296 5.96 20.45 22.74
N ASP A 297 6.09 21.76 22.83
CA ASP A 297 5.66 22.61 21.69
C ASP A 297 6.46 22.27 20.37
N ASN A 298 7.77 22.05 20.46
CA ASN A 298 8.64 21.64 19.28
C ASN A 298 8.22 20.27 18.77
N LEU A 299 8.08 19.28 19.68
CA LEU A 299 7.63 17.94 19.33
C LEU A 299 6.24 17.75 18.76
N GLN A 300 5.26 18.44 19.33
CA GLN A 300 3.92 18.33 18.76
C GLN A 300 3.87 18.83 17.29
N SER A 301 4.57 19.92 17.03
CA SER A 301 4.65 20.49 15.69
C SER A 301 5.35 19.49 14.74
N ARG A 302 6.49 18.91 15.17
CA ARG A 302 7.11 17.83 14.37
C ARG A 302 6.19 16.64 14.13
N HIS A 303 5.38 16.25 15.13
CA HIS A 303 4.49 15.09 15.06
C HIS A 303 3.39 15.38 14.00
N THR A 304 2.89 16.59 14.00
CA THR A 304 1.90 17.02 12.97
C THR A 304 2.49 16.77 11.52
N ALA A 305 3.71 17.23 11.29
CA ALA A 305 4.35 17.04 9.98
C ALA A 305 4.61 15.57 9.66
N PHE A 306 4.95 14.78 10.66
CA PHE A 306 5.15 13.35 10.48
C PHE A 306 3.86 12.58 10.15
N ILE A 307 2.74 12.97 10.77
CA ILE A 307 1.45 12.36 10.51
C ILE A 307 0.97 12.72 9.11
N GLY A 308 1.11 13.98 8.72
CA GLY A 308 0.63 14.47 7.43
C GLY A 308 1.36 13.96 6.17
N ASP A 309 2.58 13.39 6.32
CA ASP A 309 3.54 13.07 5.21
C ASP A 309 3.91 11.57 5.16
N ASP B 5 -3.67 22.48 -17.97
CA ASP B 5 -4.83 23.39 -17.67
C ASP B 5 -4.39 24.83 -17.27
N PRO B 6 -3.63 25.05 -16.14
CA PRO B 6 -3.12 26.45 -15.91
C PRO B 6 -2.02 26.91 -16.95
N VAL B 7 -1.30 25.92 -17.50
CA VAL B 7 -0.20 26.12 -18.47
C VAL B 7 -0.75 26.33 -19.90
N ALA B 8 -2.01 25.98 -20.16
CA ALA B 8 -2.60 26.02 -21.53
C ALA B 8 -2.68 27.39 -22.17
N GLU B 9 -2.77 28.39 -21.43
CA GLU B 9 -2.84 29.72 -21.99
C GLU B 9 -1.52 30.28 -22.50
N PHE B 10 -0.42 29.69 -22.12
CA PHE B 10 0.92 30.05 -22.55
C PHE B 10 1.26 29.23 -23.79
N PRO B 11 1.90 29.84 -24.80
CA PRO B 11 2.30 29.04 -26.00
C PRO B 11 3.36 27.98 -25.66
N GLN B 12 3.31 26.83 -26.32
CA GLN B 12 4.33 25.79 -26.17
C GLN B 12 5.61 26.15 -26.85
N PRO B 13 6.75 25.78 -26.27
CA PRO B 13 8.02 26.03 -26.95
C PRO B 13 8.17 25.09 -28.13
N PRO B 14 9.02 25.46 -29.12
CA PRO B 14 9.23 24.61 -30.28
C PRO B 14 9.86 23.26 -29.86
N GLY B 15 9.31 22.17 -30.37
CA GLY B 15 9.83 20.85 -30.03
C GLY B 15 9.48 20.33 -28.65
N ALA B 16 8.42 20.85 -28.03
CA ALA B 16 8.03 20.46 -26.67
C ALA B 16 7.77 18.93 -26.53
N ALA B 17 7.05 18.35 -27.49
CA ALA B 17 6.83 16.89 -27.51
C ALA B 17 8.15 16.03 -27.69
N ARG B 18 9.06 16.50 -28.51
CA ARG B 18 10.33 15.85 -28.64
C ARG B 18 11.17 15.95 -27.34
N TRP B 19 11.20 17.11 -26.69
CA TRP B 19 11.90 17.25 -25.40
C TRP B 19 11.32 16.34 -24.34
N ALA B 20 10.00 16.31 -24.24
CA ALA B 20 9.37 15.47 -23.22
C ALA B 20 9.82 14.02 -23.34
N GLU B 21 9.87 13.50 -24.58
CA GLU B 21 10.37 12.14 -24.82
C GLU B 21 11.87 11.93 -24.51
N VAL B 22 12.72 12.84 -24.96
CA VAL B 22 14.14 12.78 -24.58
C VAL B 22 14.30 12.78 -23.05
N MET B 23 13.59 13.65 -22.34
CA MET B 23 13.72 13.69 -20.86
C MET B 23 13.24 12.36 -20.20
N ALA B 24 12.19 11.79 -20.76
CA ALA B 24 11.62 10.50 -20.23
C ALA B 24 12.60 9.34 -20.42
N ARG B 25 13.24 9.27 -21.56
CA ARG B 25 14.23 8.24 -21.81
C ARG B 25 15.47 8.38 -20.90
N PHE B 26 15.92 9.63 -20.69
CA PHE B 26 17.05 9.93 -19.76
C PHE B 26 16.82 9.42 -18.38
N ALA B 27 15.69 9.81 -17.81
CA ALA B 27 15.38 9.43 -16.44
C ALA B 27 15.14 7.91 -16.31
N ALA B 28 14.45 7.30 -17.25
CA ALA B 28 14.18 5.86 -17.18
C ALA B 28 15.47 5.05 -17.24
N ARG B 29 16.32 5.48 -18.16
CA ARG B 29 17.66 4.88 -18.24
CA ARG B 29 17.65 4.88 -18.24
C ARG B 29 18.55 4.89 -16.85
N LEU B 30 18.52 6.09 -16.26
CA LEU B 30 19.21 6.31 -14.98
C LEU B 30 18.58 5.61 -13.78
N GLY B 31 17.27 5.65 -13.71
CA GLY B 31 16.53 4.85 -12.69
C GLY B 31 16.76 3.33 -12.80
N ALA B 32 16.79 2.79 -14.02
CA ALA B 32 17.19 1.37 -14.32
C ALA B 32 18.60 0.98 -13.86
N GLN B 33 19.54 1.92 -13.80
CA GLN B 33 20.84 1.67 -13.16
C GLN B 33 20.81 1.86 -11.63
N GLY B 34 19.67 2.18 -11.03
CA GLY B 34 19.62 2.58 -9.61
C GLY B 34 20.14 3.97 -9.21
N ARG B 35 20.33 4.89 -10.12
CA ARG B 35 20.88 6.17 -9.77
C ARG B 35 19.89 7.24 -9.41
N ARG B 36 20.22 8.10 -8.46
CA ARG B 36 19.34 9.24 -8.18
C ARG B 36 19.40 10.27 -9.33
N VAL B 37 18.31 11.00 -9.55
CA VAL B 37 18.23 12.02 -10.59
C VAL B 37 17.68 13.33 -10.01
N VAL B 38 18.35 14.44 -10.34
CA VAL B 38 17.92 15.78 -9.85
C VAL B 38 17.61 16.66 -11.05
N LEU B 39 16.48 17.36 -10.99
CA LEU B 39 16.20 18.47 -11.95
C LEU B 39 16.74 19.73 -11.32
N VAL B 40 17.75 20.32 -11.94
CA VAL B 40 18.29 21.62 -11.54
C VAL B 40 17.74 22.62 -12.48
N THR B 41 16.94 23.58 -11.97
CA THR B 41 16.50 24.75 -12.80
C THR B 41 17.37 25.98 -12.45
N SER B 42 17.75 26.75 -13.48
CA SER B 42 18.79 27.73 -13.34
C SER B 42 18.58 28.90 -14.30
N GLY B 43 18.89 30.11 -13.80
CA GLY B 43 18.69 31.31 -14.61
C GLY B 43 17.29 31.93 -14.43
N GLY B 44 17.06 33.06 -15.06
CA GLY B 44 15.79 33.74 -14.93
C GLY B 44 14.90 33.61 -16.16
N THR B 45 13.60 33.77 -15.97
CA THR B 45 12.66 33.81 -17.08
C THR B 45 12.36 35.26 -17.45
N LYS B 46 11.87 35.45 -18.68
CA LYS B 46 11.33 36.73 -19.07
C LYS B 46 9.96 36.67 -19.72
N VAL B 47 9.22 37.79 -19.66
CA VAL B 47 7.92 37.91 -20.28
C VAL B 47 7.82 39.11 -21.21
N PRO B 48 7.14 38.94 -22.35
CA PRO B 48 7.01 40.01 -23.31
C PRO B 48 5.90 40.97 -22.92
N LEU B 49 6.00 42.20 -23.42
CA LEU B 49 4.95 43.18 -23.27
C LEU B 49 4.15 43.43 -24.58
N GLU B 50 4.69 42.99 -25.71
CA GLU B 50 4.13 43.17 -27.05
C GLU B 50 4.05 41.84 -27.82
N ALA B 51 3.13 41.72 -28.78
CA ALA B 51 3.01 40.51 -29.60
C ALA B 51 4.24 40.27 -30.49
N ARG B 52 4.95 41.32 -30.88
CA ARG B 52 6.20 41.24 -31.66
C ARG B 52 7.14 41.91 -30.67
N PRO B 53 7.82 41.11 -29.86
CA PRO B 53 8.40 41.79 -28.68
C PRO B 53 9.79 42.42 -28.86
N VAL B 54 9.96 43.66 -28.48
CA VAL B 54 11.29 44.26 -28.47
C VAL B 54 11.76 44.51 -27.04
N ARG B 55 10.93 44.25 -26.04
CA ARG B 55 11.33 44.43 -24.64
C ARG B 55 10.68 43.38 -23.73
N PHE B 56 11.30 43.09 -22.61
CA PHE B 56 10.83 41.99 -21.76
C PHE B 56 11.06 42.40 -20.28
N LEU B 57 10.14 42.03 -19.40
CA LEU B 57 10.38 42.11 -17.98
C LEU B 57 11.12 40.82 -17.58
N ASP B 58 12.37 40.96 -17.10
CA ASP B 58 13.30 39.84 -16.87
C ASP B 58 13.62 39.71 -15.36
N ASN B 59 13.43 38.55 -14.74
CA ASN B 59 13.88 38.34 -13.36
C ASN B 59 15.40 38.07 -13.34
N PHE B 60 16.09 38.70 -12.41
CA PHE B 60 17.54 38.62 -12.31
C PHE B 60 18.07 37.26 -11.78
N SER B 61 19.06 36.71 -12.50
CA SER B 61 19.80 35.48 -12.06
C SER B 61 20.95 35.24 -13.03
N SER B 62 22.18 35.23 -12.52
CA SER B 62 23.36 35.01 -13.42
C SER B 62 23.37 33.51 -13.89
N GLY B 63 22.74 32.58 -13.14
CA GLY B 63 22.90 31.16 -13.37
C GLY B 63 24.08 30.50 -12.61
N ARG B 64 24.88 31.28 -11.88
CA ARG B 64 26.03 30.72 -11.19
C ARG B 64 25.63 29.70 -10.14
N ARG B 65 24.63 29.98 -9.36
CA ARG B 65 24.17 29.04 -8.38
C ARG B 65 23.80 27.72 -9.04
N GLY B 66 22.97 27.77 -10.05
CA GLY B 66 22.57 26.53 -10.72
C GLY B 66 23.68 25.73 -11.40
N ALA B 67 24.55 26.43 -12.13
CA ALA B 67 25.70 25.81 -12.80
C ALA B 67 26.62 25.14 -11.81
N THR B 68 26.95 25.85 -10.72
CA THR B 68 27.84 25.32 -9.70
C THR B 68 27.18 24.16 -8.97
N SER B 69 25.87 24.24 -8.74
CA SER B 69 25.15 23.09 -8.12
C SER B 69 25.11 21.87 -9.02
N ALA B 70 24.88 22.05 -10.32
CA ALA B 70 24.95 20.92 -11.26
C ALA B 70 26.29 20.20 -11.24
N GLU B 71 27.40 20.96 -11.18
CA GLU B 71 28.74 20.39 -11.02
C GLU B 71 28.88 19.58 -9.75
N ALA B 72 28.40 20.13 -8.63
CA ALA B 72 28.48 19.41 -7.37
C ALA B 72 27.57 18.17 -7.30
N PHE B 73 26.39 18.22 -7.88
CA PHE B 73 25.52 17.01 -8.00
C PHE B 73 26.12 15.91 -8.88
N LEU B 74 26.69 16.27 -10.02
CA LEU B 74 27.47 15.33 -10.83
C LEU B 74 28.59 14.66 -10.03
N ALA B 75 29.40 15.42 -9.32
CA ALA B 75 30.48 14.83 -8.52
C ALA B 75 29.96 13.92 -7.40
N ALA B 76 28.75 14.21 -6.88
CA ALA B 76 28.11 13.34 -5.88
C ALA B 76 27.41 12.07 -6.45
N GLY B 77 27.51 11.79 -7.74
CA GLY B 77 26.91 10.59 -8.33
C GLY B 77 25.50 10.69 -8.91
N TYR B 78 24.90 11.89 -8.91
CA TYR B 78 23.52 12.03 -9.40
C TYR B 78 23.55 12.10 -10.93
N GLY B 79 22.46 11.71 -11.54
CA GLY B 79 22.18 12.20 -12.89
C GLY B 79 21.56 13.57 -12.81
N VAL B 80 21.90 14.47 -13.74
CA VAL B 80 21.40 15.82 -13.70
C VAL B 80 20.67 16.21 -14.98
N LEU B 81 19.38 16.60 -14.83
CA LEU B 81 18.60 17.17 -15.87
C LEU B 81 18.67 18.70 -15.64
N PHE B 82 19.34 19.41 -16.53
CA PHE B 82 19.68 20.83 -16.30
C PHE B 82 18.81 21.72 -17.20
N LEU B 83 17.77 22.32 -16.64
CA LEU B 83 16.79 23.13 -17.36
C LEU B 83 17.18 24.57 -17.13
N TYR B 84 17.76 25.20 -18.12
CA TYR B 84 18.44 26.49 -17.90
C TYR B 84 18.14 27.57 -18.92
N ARG B 85 18.29 28.82 -18.48
CA ARG B 85 18.08 30.00 -19.35
C ARG B 85 19.19 30.03 -20.36
N ALA B 86 18.82 30.08 -21.64
CA ALA B 86 19.82 30.01 -22.73
C ALA B 86 20.83 31.14 -22.57
N ARG B 87 22.09 30.81 -22.63
CA ARG B 87 23.15 31.77 -22.47
C ARG B 87 23.53 32.22 -21.03
N SER B 88 22.78 31.79 -20.02
CA SER B 88 23.16 32.01 -18.64
C SER B 88 24.33 31.04 -18.32
N ALA B 89 24.85 31.07 -17.09
CA ALA B 89 26.05 30.34 -16.77
C ALA B 89 25.90 28.84 -17.02
N PHE B 90 26.90 28.27 -17.69
CA PHE B 90 26.95 26.85 -18.04
C PHE B 90 27.99 26.12 -17.20
N PRO B 91 27.63 24.94 -16.69
CA PRO B 91 28.58 24.09 -15.90
C PRO B 91 29.97 23.94 -16.52
N TYR B 92 31.03 24.15 -15.72
CA TYR B 92 32.44 23.99 -16.09
C TYR B 92 32.95 25.18 -16.93
N ALA B 93 32.18 25.59 -17.93
CA ALA B 93 32.61 26.69 -18.81
C ALA B 93 32.52 28.09 -18.21
N HIS B 94 31.65 28.30 -17.23
CA HIS B 94 31.35 29.64 -16.75
C HIS B 94 32.55 30.28 -16.08
N ARG B 95 33.57 29.54 -15.66
CA ARG B 95 34.82 30.18 -15.16
C ARG B 95 35.78 30.68 -16.26
N PHE B 96 35.46 30.46 -17.54
CA PHE B 96 36.38 30.80 -18.62
C PHE B 96 35.59 31.66 -19.67
N PRO B 97 35.40 32.94 -19.39
CA PRO B 97 34.74 33.74 -20.39
C PRO B 97 35.52 33.91 -21.74
N PRO B 98 34.83 34.31 -22.81
CA PRO B 98 35.41 34.52 -24.15
C PRO B 98 36.76 35.26 -24.22
N GLN B 99 36.90 36.38 -23.56
CA GLN B 99 38.14 37.11 -23.63
C GLN B 99 39.31 36.33 -22.99
N THR B 100 39.03 35.54 -21.95
CA THR B 100 40.07 34.73 -21.32
C THR B 100 40.61 33.72 -22.30
N TRP B 101 39.72 32.92 -22.91
CA TRP B 101 40.24 31.89 -23.83
C TRP B 101 40.70 32.41 -25.16
N LEU B 102 40.06 33.46 -25.67
CA LEU B 102 40.58 34.14 -26.90
C LEU B 102 42.02 34.63 -26.79
N SER B 103 42.44 35.14 -25.65
CA SER B 103 43.82 35.62 -25.49
C SER B 103 44.76 34.48 -25.16
N ALA B 104 44.31 33.49 -24.43
CA ALA B 104 45.22 32.39 -23.93
C ALA B 104 45.57 31.34 -24.95
N LEU B 105 44.58 30.88 -25.74
CA LEU B 105 44.78 29.75 -26.71
C LEU B 105 45.51 30.19 -27.97
N ARG B 106 46.56 29.49 -28.36
CA ARG B 106 47.27 29.77 -29.64
C ARG B 106 47.44 28.50 -30.51
N PRO B 107 47.13 28.56 -31.79
CA PRO B 107 47.46 27.40 -32.66
C PRO B 107 48.95 27.08 -32.66
N SER B 108 49.32 25.80 -32.63
CA SER B 108 50.71 25.40 -32.65
C SER B 108 51.22 25.07 -34.10
N GLY B 109 50.34 25.13 -35.08
CA GLY B 109 50.69 25.04 -36.50
C GLY B 109 49.35 25.01 -37.25
N PRO B 110 49.39 24.92 -38.57
CA PRO B 110 48.15 24.63 -39.30
C PRO B 110 47.62 23.22 -39.00
N ALA B 111 46.35 23.02 -39.20
CA ALA B 111 45.70 21.72 -38.95
C ALA B 111 46.22 20.68 -39.99
N LEU B 112 46.78 19.61 -39.49
CA LEU B 112 47.37 18.57 -40.32
C LEU B 112 46.61 17.31 -39.98
N SER B 113 46.27 16.54 -40.99
CA SER B 113 45.62 15.22 -40.84
C SER B 113 44.24 15.44 -40.16
N GLY B 114 43.60 16.60 -40.41
CA GLY B 114 42.29 16.95 -39.86
C GLY B 114 42.29 17.26 -38.35
N LEU B 115 43.46 17.48 -37.77
CA LEU B 115 43.63 17.70 -36.30
C LEU B 115 44.19 19.10 -36.03
N LEU B 116 43.50 19.91 -35.24
CA LEU B 116 43.95 21.22 -34.82
C LEU B 116 44.64 21.11 -33.47
N SER B 117 45.87 21.58 -33.36
CA SER B 117 46.60 21.60 -32.07
C SER B 117 46.74 23.01 -31.55
N LEU B 118 46.54 23.17 -30.25
CA LEU B 118 46.49 24.45 -29.56
C LEU B 118 47.40 24.34 -28.33
N GLU B 119 47.99 25.45 -27.90
CA GLU B 119 48.70 25.51 -26.61
C GLU B 119 48.38 26.79 -25.87
N ALA B 120 48.59 26.76 -24.57
CA ALA B 120 48.38 27.88 -23.68
C ALA B 120 49.33 27.78 -22.47
N GLU B 121 49.75 28.91 -21.90
CA GLU B 121 50.35 28.96 -20.58
C GLU B 121 49.32 28.40 -19.56
N GLU B 122 49.71 27.37 -18.81
CA GLU B 122 48.82 26.78 -17.80
C GLU B 122 48.25 27.78 -16.78
N ASN B 123 49.10 28.70 -16.35
CA ASN B 123 48.70 29.70 -15.39
C ASN B 123 47.71 30.77 -15.98
N ALA B 124 47.57 30.88 -17.31
CA ALA B 124 46.49 31.70 -17.92
C ALA B 124 45.07 31.04 -17.91
N LEU B 125 44.97 29.72 -17.87
CA LEU B 125 43.68 29.00 -17.79
C LEU B 125 43.66 27.94 -16.67
N PRO B 126 43.73 28.41 -15.40
CA PRO B 126 43.84 27.43 -14.29
C PRO B 126 42.57 26.58 -14.21
N GLY B 127 42.75 25.29 -14.07
CA GLY B 127 41.63 24.37 -14.03
C GLY B 127 40.99 23.98 -15.38
N PHE B 128 41.51 24.44 -16.52
CA PHE B 128 40.88 24.28 -17.80
C PHE B 128 40.82 22.79 -18.21
N ALA B 129 41.93 22.09 -18.08
CA ALA B 129 41.97 20.65 -18.36
C ALA B 129 41.02 19.82 -17.50
N GLU B 130 40.95 20.12 -16.20
CA GLU B 130 40.02 19.43 -15.30
C GLU B 130 38.53 19.70 -15.72
N ALA B 131 38.22 20.91 -16.16
CA ALA B 131 36.89 21.24 -16.66
C ALA B 131 36.51 20.43 -17.89
N LEU B 132 37.39 20.36 -18.88
CA LEU B 132 37.14 19.56 -20.05
C LEU B 132 36.92 18.09 -19.72
N ARG B 133 37.75 17.54 -18.86
CA ARG B 133 37.61 16.17 -18.47
C ARG B 133 36.32 15.87 -17.72
N SER B 134 35.93 16.75 -16.81
CA SER B 134 34.68 16.49 -16.01
C SER B 134 33.48 16.52 -16.92
N TYR B 135 33.44 17.50 -17.85
CA TYR B 135 32.30 17.62 -18.75
C TYR B 135 32.26 16.37 -19.65
N GLN B 136 33.40 15.99 -20.21
CA GLN B 136 33.46 14.84 -21.13
C GLN B 136 33.05 13.49 -20.45
N GLU B 137 33.44 13.32 -19.19
CA GLU B 137 33.09 12.11 -18.41
C GLU B 137 31.58 11.99 -18.19
N ALA B 138 30.90 13.10 -17.98
CA ALA B 138 29.45 13.13 -17.79
C ALA B 138 28.69 12.84 -19.07
N ALA B 139 29.07 13.50 -20.17
CA ALA B 139 28.58 13.18 -21.53
C ALA B 139 28.76 11.69 -21.88
N ALA B 140 29.95 11.11 -21.61
CA ALA B 140 30.20 9.70 -21.94
C ALA B 140 29.32 8.73 -21.09
N ALA B 141 29.09 9.04 -19.82
CA ALA B 141 28.26 8.22 -18.93
C ALA B 141 26.75 8.46 -19.20
N GLY B 142 26.37 9.49 -19.96
CA GLY B 142 24.99 9.86 -20.19
C GLY B 142 24.27 10.32 -18.92
N THR B 143 24.97 11.03 -18.02
CA THR B 143 24.42 11.52 -16.74
C THR B 143 24.06 12.98 -16.74
N PHE B 144 24.15 13.66 -17.88
CA PHE B 144 23.96 15.13 -17.93
C PHE B 144 23.13 15.54 -19.12
N LEU B 145 21.88 15.89 -18.94
CA LEU B 145 21.06 16.29 -20.12
C LEU B 145 20.70 17.79 -19.96
N VAL B 146 20.94 18.58 -21.00
CA VAL B 146 20.73 20.00 -20.97
C VAL B 146 19.50 20.40 -21.79
N VAL B 147 18.64 21.26 -21.28
CA VAL B 147 17.42 21.67 -21.91
C VAL B 147 17.30 23.19 -21.73
N GLU B 148 17.29 23.94 -22.81
CA GLU B 148 17.27 25.39 -22.76
C GLU B 148 15.89 26.02 -22.72
N PHE B 149 15.69 27.10 -21.99
CA PHE B 149 14.46 27.85 -22.10
C PHE B 149 14.83 29.32 -22.22
N THR B 150 13.88 30.16 -22.59
CA THR B 150 14.05 31.60 -22.58
C THR B 150 12.87 32.34 -21.85
N THR B 151 11.64 32.18 -22.34
CA THR B 151 10.47 32.84 -21.78
C THR B 151 9.87 32.08 -20.58
N LEU B 152 9.05 32.80 -19.80
CA LEU B 152 8.18 32.16 -18.82
C LEU B 152 7.36 31.00 -19.45
N ALA B 153 6.73 31.25 -20.58
CA ALA B 153 6.01 30.17 -21.33
C ALA B 153 6.80 28.88 -21.66
N ASP B 154 8.02 29.03 -22.15
CA ASP B 154 8.93 27.92 -22.35
C ASP B 154 9.19 27.19 -21.03
N TYR B 155 9.49 27.96 -20.02
CA TYR B 155 9.86 27.36 -18.71
C TYR B 155 8.72 26.55 -18.11
N LEU B 156 7.53 27.13 -18.08
CA LEU B 156 6.33 26.41 -17.50
C LEU B 156 5.99 25.08 -18.19
N HIS B 157 6.00 25.05 -19.51
CA HIS B 157 5.83 23.78 -20.26
C HIS B 157 6.95 22.78 -20.10
N LEU B 158 8.20 23.24 -20.10
CA LEU B 158 9.32 22.29 -19.87
C LEU B 158 9.45 21.74 -18.45
N LEU B 159 9.08 22.55 -17.46
CA LEU B 159 9.02 22.10 -16.08
C LEU B 159 7.93 21.01 -15.88
N GLN B 160 6.80 21.21 -16.50
CA GLN B 160 5.77 20.11 -16.53
C GLN B 160 6.21 18.83 -17.21
N ALA B 161 6.90 18.95 -18.33
CA ALA B 161 7.46 17.79 -19.01
C ALA B 161 8.54 17.11 -18.21
N ALA B 162 9.39 17.87 -17.50
CA ALA B 162 10.41 17.27 -16.63
C ALA B 162 9.80 16.49 -15.48
N ALA B 163 8.78 17.06 -14.86
CA ALA B 163 8.08 16.40 -13.75
C ALA B 163 7.45 15.07 -14.18
N GLN B 164 6.86 15.03 -15.37
CA GLN B 164 6.32 13.80 -15.95
CA GLN B 164 6.33 13.76 -15.96
C GLN B 164 7.41 12.76 -16.18
N ALA B 165 8.56 13.19 -16.69
CA ALA B 165 9.71 12.32 -16.78
C ALA B 165 10.21 11.77 -15.40
N LEU B 166 10.18 12.54 -14.32
CA LEU B 166 10.81 12.13 -13.03
C LEU B 166 9.82 11.43 -12.09
N ASN B 167 8.54 11.62 -12.34
CA ASN B 167 7.47 10.95 -11.54
C ASN B 167 7.64 9.40 -11.40
N PRO B 168 8.01 8.65 -12.45
CA PRO B 168 8.26 7.19 -12.21
C PRO B 168 9.35 6.79 -11.20
N LEU B 169 10.30 7.68 -10.89
CA LEU B 169 11.39 7.35 -9.93
C LEU B 169 11.00 7.51 -8.46
N GLY B 170 9.80 8.02 -8.22
CA GLY B 170 9.30 8.19 -6.87
C GLY B 170 10.25 9.02 -6.04
N PRO B 171 10.54 8.55 -4.82
CA PRO B 171 11.42 9.29 -3.94
C PRO B 171 12.89 9.42 -4.35
N SER B 172 13.35 8.68 -5.35
CA SER B 172 14.72 8.83 -5.87
C SER B 172 14.97 10.06 -6.74
N ALA B 173 13.91 10.76 -7.08
CA ALA B 173 14.01 12.01 -7.84
C ALA B 173 14.01 13.22 -6.91
N MET B 174 14.79 14.22 -7.25
CA MET B 174 14.92 15.45 -6.51
C MET B 174 14.63 16.60 -7.45
N PHE B 175 13.94 17.62 -6.97
CA PHE B 175 13.75 18.87 -7.73
C PHE B 175 14.53 19.98 -6.95
N TYR B 176 15.42 20.71 -7.64
CA TYR B 176 16.22 21.75 -7.06
C TYR B 176 15.90 23.01 -7.82
N LEU B 177 14.94 23.80 -7.32
CA LEU B 177 14.32 24.86 -8.11
C LEU B 177 14.91 26.24 -7.89
N ALA B 178 16.11 26.46 -8.50
CA ALA B 178 16.86 27.71 -8.33
C ALA B 178 16.51 28.79 -9.30
N ALA B 179 15.69 28.50 -10.30
CA ALA B 179 15.29 29.47 -11.32
C ALA B 179 14.55 30.63 -10.73
N ALA B 180 14.81 31.81 -11.29
CA ALA B 180 14.11 33.01 -10.89
C ALA B 180 12.94 33.23 -11.80
N VAL B 181 11.72 32.90 -11.38
CA VAL B 181 10.59 32.79 -12.30
C VAL B 181 9.75 34.04 -12.27
N SER B 182 9.40 34.56 -13.46
CA SER B 182 8.52 35.79 -13.56
C SER B 182 7.28 35.72 -12.67
N ASP B 183 7.04 36.75 -11.89
CA ASP B 183 5.88 36.82 -10.99
C ASP B 183 4.65 37.46 -11.67
N PHE B 184 4.87 38.20 -12.74
CA PHE B 184 3.81 38.88 -13.43
C PHE B 184 3.90 38.69 -14.95
N TYR B 185 2.78 38.82 -15.64
CA TYR B 185 2.71 38.68 -17.08
C TYR B 185 1.56 39.42 -17.73
N VAL B 186 1.60 39.52 -19.04
CA VAL B 186 0.55 40.12 -19.84
C VAL B 186 -0.05 39.02 -20.68
N PRO B 187 -1.34 38.75 -20.51
CA PRO B 187 -1.92 37.64 -21.30
C PRO B 187 -2.00 37.99 -22.79
N VAL B 188 -1.85 36.98 -23.64
CA VAL B 188 -1.79 37.18 -25.14
C VAL B 188 -2.86 38.14 -25.66
N SER B 189 -4.09 38.04 -25.15
CA SER B 189 -5.17 38.95 -25.57
C SER B 189 -5.09 40.43 -25.19
N GLU B 190 -4.30 40.80 -24.20
CA GLU B 190 -4.20 42.23 -23.83
C GLU B 190 -2.96 42.93 -24.41
N MET B 191 -2.16 42.26 -25.24
CA MET B 191 -0.87 42.87 -25.70
C MET B 191 -1.11 43.72 -26.93
N PRO B 192 -0.48 44.89 -27.05
CA PRO B 192 -0.48 45.51 -28.38
C PRO B 192 0.27 44.69 -29.42
N GLU B 193 -0.08 44.93 -30.68
CA GLU B 193 0.49 44.16 -31.78
C GLU B 193 1.96 44.53 -32.02
N HIS B 194 2.24 45.82 -32.11
CA HIS B 194 3.53 46.37 -32.53
C HIS B 194 4.31 47.05 -31.43
N LYS B 195 5.59 47.36 -31.71
CA LYS B 195 6.47 48.10 -30.78
C LYS B 195 5.80 49.31 -30.11
N ILE B 196 5.89 49.41 -28.79
CA ILE B 196 5.40 50.55 -28.06
C ILE B 196 6.21 51.79 -28.40
N GLN B 197 5.52 52.90 -28.67
CA GLN B 197 6.15 54.14 -29.04
C GLN B 197 6.55 54.95 -27.85
N SER B 198 7.82 55.34 -27.78
CA SER B 198 8.26 56.14 -26.60
C SER B 198 7.80 57.61 -26.62
N SER B 199 7.46 58.15 -27.77
CA SER B 199 6.88 59.49 -27.90
C SER B 199 5.43 59.59 -27.41
N GLY B 200 4.76 58.45 -27.20
CA GLY B 200 3.40 58.37 -26.69
C GLY B 200 3.20 58.54 -25.17
N GLY B 201 4.15 59.14 -24.45
CA GLY B 201 3.94 59.43 -23.03
C GLY B 201 4.48 58.34 -22.12
N PRO B 202 4.25 58.47 -20.83
CA PRO B 202 4.77 57.47 -19.91
C PRO B 202 4.18 56.07 -20.19
N LEU B 203 4.90 54.98 -19.90
CA LEU B 203 4.41 53.61 -20.07
C LEU B 203 3.62 53.23 -18.82
N GLN B 204 2.36 52.88 -18.99
CA GLN B 204 1.49 52.46 -17.91
C GLN B 204 1.03 51.11 -18.27
N ILE B 205 1.46 50.15 -17.49
CA ILE B 205 1.10 48.77 -17.69
C ILE B 205 0.61 48.11 -16.39
N THR B 206 -0.50 47.37 -16.48
CA THR B 206 -0.89 46.47 -15.42
C THR B 206 -0.59 45.04 -15.91
N MET B 207 0.06 44.27 -15.05
CA MET B 207 0.44 42.90 -15.36
C MET B 207 -0.24 42.00 -14.33
N LYS B 208 -0.87 40.93 -14.78
CA LYS B 208 -1.55 39.92 -13.91
C LYS B 208 -0.49 39.07 -13.19
N MET B 209 -0.87 38.55 -12.04
CA MET B 209 -0.05 37.58 -11.30
C MET B 209 0.02 36.26 -12.03
N VAL B 210 1.25 35.73 -12.15
CA VAL B 210 1.46 34.47 -12.78
C VAL B 210 0.99 33.40 -11.77
N PRO B 211 0.25 32.40 -12.22
CA PRO B 211 -0.12 31.34 -11.25
C PRO B 211 1.11 30.56 -10.70
N LYS B 212 1.03 30.23 -9.40
CA LYS B 212 2.12 29.59 -8.71
C LYS B 212 2.03 28.09 -8.88
N LEU B 213 2.78 27.57 -9.86
CA LEU B 213 2.76 26.14 -10.23
C LEU B 213 3.51 25.19 -9.30
N LEU B 214 4.14 25.71 -8.25
CA LEU B 214 4.67 24.84 -7.23
C LEU B 214 3.50 24.03 -6.55
N SER B 215 2.28 24.54 -6.46
CA SER B 215 1.14 23.71 -5.88
C SER B 215 0.83 22.45 -6.64
N PRO B 216 0.49 22.59 -7.94
CA PRO B 216 0.26 21.35 -8.76
C PRO B 216 1.49 20.44 -8.94
N LEU B 217 2.67 21.03 -9.01
CA LEU B 217 3.93 20.24 -9.03
C LEU B 217 4.03 19.29 -7.85
N VAL B 218 3.84 19.81 -6.64
CA VAL B 218 3.93 19.03 -5.42
C VAL B 218 2.73 18.07 -5.25
N LYS B 219 1.51 18.50 -5.60
CA LYS B 219 0.27 17.72 -5.35
C LYS B 219 0.00 16.68 -6.43
N ASP B 220 0.24 17.02 -7.68
CA ASP B 220 -0.28 16.26 -8.84
C ASP B 220 0.81 15.74 -9.78
N TRP B 221 1.83 16.55 -10.15
CA TRP B 221 2.79 16.15 -11.20
C TRP B 221 3.85 15.20 -10.68
N ALA B 222 4.39 15.43 -9.48
CA ALA B 222 5.42 14.59 -8.95
C ALA B 222 5.27 14.43 -7.43
N PRO B 223 4.15 13.82 -6.99
CA PRO B 223 3.83 13.74 -5.56
C PRO B 223 4.75 12.95 -4.67
N LYS B 224 5.65 12.11 -5.17
CA LYS B 224 6.54 11.29 -4.29
C LYS B 224 7.98 11.82 -4.27
N ALA B 225 8.24 12.87 -5.04
CA ALA B 225 9.58 13.35 -5.17
C ALA B 225 10.05 14.19 -3.95
N PHE B 226 11.37 14.30 -3.82
CA PHE B 226 12.01 15.16 -2.83
C PHE B 226 12.15 16.57 -3.43
N ILE B 227 11.35 17.52 -2.95
CA ILE B 227 11.28 18.86 -3.59
C ILE B 227 11.87 19.98 -2.73
N ILE B 228 12.88 20.67 -3.31
CA ILE B 228 13.61 21.76 -2.69
C ILE B 228 13.38 23.05 -3.47
N SER B 229 12.86 24.07 -2.80
CA SER B 229 12.70 25.38 -3.45
C SER B 229 13.72 26.34 -2.87
N PHE B 230 13.85 27.47 -3.51
CA PHE B 230 14.67 28.58 -3.05
C PHE B 230 13.70 29.70 -2.62
N LYS B 231 14.09 30.54 -1.68
CA LYS B 231 13.35 31.75 -1.34
C LYS B 231 14.33 32.90 -1.42
N LEU B 232 14.06 33.86 -2.33
CA LEU B 232 14.90 35.09 -2.46
C LEU B 232 14.19 36.26 -1.84
N GLU B 233 14.86 36.92 -0.92
CA GLU B 233 14.37 38.19 -0.32
C GLU B 233 15.46 39.26 -0.36
N THR B 234 15.08 40.53 -0.23
CA THR B 234 16.08 41.60 -0.09
C THR B 234 16.14 42.09 1.35
N ASP B 235 15.14 41.75 2.17
CA ASP B 235 14.97 42.32 3.52
C ASP B 235 15.30 41.24 4.58
N PRO B 236 16.41 41.39 5.31
CA PRO B 236 16.78 40.34 6.27
C PRO B 236 15.86 40.23 7.50
N ALA B 237 15.05 41.26 7.79
CA ALA B 237 14.06 41.17 8.89
C ALA B 237 12.95 40.11 8.66
N ILE B 238 12.61 39.82 7.39
CA ILE B 238 11.50 38.96 7.05
C ILE B 238 11.77 37.60 6.40
N VAL B 239 13.00 37.31 6.05
CA VAL B 239 13.28 36.14 5.22
C VAL B 239 12.89 34.83 5.86
N ILE B 240 13.12 34.68 7.18
CA ILE B 240 12.80 33.40 7.80
C ILE B 240 11.29 33.11 7.77
N ASN B 241 10.51 34.09 8.16
CA ASN B 241 9.06 34.01 8.16
C ASN B 241 8.52 33.68 6.73
N ARG B 242 9.11 34.31 5.72
CA ARG B 242 8.67 34.06 4.33
C ARG B 242 9.01 32.62 3.90
N ALA B 243 10.17 32.11 4.30
CA ALA B 243 10.57 30.73 3.95
C ALA B 243 9.63 29.72 4.63
N ARG B 244 9.35 29.93 5.92
CA ARG B 244 8.38 29.07 6.58
C ARG B 244 6.97 29.10 6.01
N LYS B 245 6.50 30.27 5.62
CA LYS B 245 5.19 30.41 4.98
C LYS B 245 5.16 29.63 3.65
N ALA B 246 6.24 29.69 2.85
CA ALA B 246 6.30 28.84 1.64
C ALA B 246 6.08 27.33 1.91
N LEU B 247 6.73 26.80 2.96
CA LEU B 247 6.50 25.39 3.27
C LEU B 247 5.03 25.07 3.71
N GLU B 248 4.43 26.00 4.48
CA GLU B 248 3.02 25.89 4.92
C GLU B 248 2.06 25.88 3.73
N ILE B 249 2.23 26.81 2.79
CA ILE B 249 1.42 26.87 1.61
C ILE B 249 1.64 25.69 0.59
N TYR B 250 2.89 25.37 0.20
CA TYR B 250 3.12 24.43 -0.88
C TYR B 250 3.35 22.99 -0.40
N GLN B 251 3.72 22.79 0.85
CA GLN B 251 3.80 21.44 1.46
C GLN B 251 4.92 20.55 0.91
N HIS B 252 5.98 21.17 0.44
CA HIS B 252 7.17 20.42 -0.03
C HIS B 252 8.18 20.27 1.15
N GLN B 253 9.40 19.79 0.91
CA GLN B 253 10.26 19.41 2.02
C GLN B 253 11.24 20.45 2.59
N VAL B 254 11.89 21.25 1.72
CA VAL B 254 12.98 22.11 2.14
C VAL B 254 12.91 23.42 1.36
N VAL B 255 13.25 24.54 2.03
CA VAL B 255 13.53 25.82 1.38
C VAL B 255 14.99 26.21 1.63
N VAL B 256 15.75 26.55 0.57
CA VAL B 256 17.02 27.22 0.68
C VAL B 256 16.79 28.74 0.58
N ALA B 257 16.92 29.44 1.71
CA ALA B 257 16.66 30.88 1.79
C ALA B 257 17.93 31.69 1.61
N ASN B 258 17.81 32.82 0.93
CA ASN B 258 18.97 33.69 0.68
C ASN B 258 18.56 35.12 0.49
N ILE B 259 19.50 36.02 0.83
CA ILE B 259 19.38 37.47 0.72
C ILE B 259 20.21 37.89 -0.47
N LEU B 260 19.66 38.72 -1.31
CA LEU B 260 20.29 39.06 -2.61
C LEU B 260 21.80 39.39 -2.46
N GLU B 261 22.13 40.36 -1.61
CA GLU B 261 23.52 40.91 -1.50
C GLU B 261 24.56 39.89 -0.98
N SER B 262 24.17 38.98 -0.08
CA SER B 262 25.11 37.99 0.46
C SER B 262 25.00 36.57 -0.12
N ARG B 263 24.29 36.39 -1.22
CA ARG B 263 23.94 35.05 -1.69
C ARG B 263 25.10 34.14 -2.05
N GLN B 264 26.22 34.74 -2.47
CA GLN B 264 27.39 33.94 -2.77
C GLN B 264 28.08 33.31 -1.56
N SER B 265 27.89 33.88 -0.38
CA SER B 265 28.63 33.44 0.79
C SER B 265 27.78 32.84 1.90
N PHE B 266 26.44 32.95 1.79
CA PHE B 266 25.52 32.53 2.86
C PHE B 266 24.18 32.04 2.30
N VAL B 267 23.76 30.87 2.77
CA VAL B 267 22.34 30.46 2.74
C VAL B 267 21.83 29.92 4.07
N LEU B 268 20.51 29.93 4.22
CA LEU B 268 19.85 29.28 5.33
C LEU B 268 18.99 28.10 4.82
N ILE B 269 19.23 26.87 5.29
CA ILE B 269 18.40 25.72 4.96
C ILE B 269 17.24 25.65 5.96
N VAL B 270 16.01 25.80 5.47
CA VAL B 270 14.82 25.95 6.31
C VAL B 270 13.92 24.76 6.07
N THR B 271 13.48 24.13 7.15
CA THR B 271 12.37 23.14 7.10
C THR B 271 11.21 23.60 8.01
N LYS B 272 10.13 22.82 8.06
CA LYS B 272 8.98 23.19 8.97
C LYS B 272 9.44 23.36 10.41
N ASP B 273 10.39 22.59 10.87
CA ASP B 273 10.79 22.71 12.30
C ASP B 273 12.24 23.10 12.64
N SER B 274 13.09 23.44 11.65
CA SER B 274 14.44 23.85 11.92
C SER B 274 15.00 24.78 10.87
N GLU B 275 16.08 25.43 11.24
CA GLU B 275 16.94 26.30 10.33
C GLU B 275 18.40 25.99 10.50
N THR B 276 19.17 25.99 9.41
CA THR B 276 20.59 25.63 9.49
C THR B 276 21.37 26.66 8.65
N LYS B 277 22.36 27.33 9.27
CA LYS B 277 23.18 28.32 8.60
C LYS B 277 24.28 27.69 7.84
N LEU B 278 24.51 28.09 6.61
CA LEU B 278 25.66 27.58 5.86
C LEU B 278 26.43 28.81 5.42
N LEU B 279 27.61 28.98 5.98
CA LEU B 279 28.38 30.19 5.80
C LEU B 279 29.74 29.71 5.40
N LEU B 280 30.27 30.37 4.41
CA LEU B 280 31.59 30.01 3.89
C LEU B 280 32.68 30.62 4.81
N SER B 281 33.50 29.76 5.44
CA SER B 281 34.59 30.17 6.34
C SER B 281 35.76 30.92 5.63
N GLU B 282 36.67 31.43 6.47
CA GLU B 282 37.97 32.02 6.07
C GLU B 282 38.93 30.95 5.46
N GLU B 283 39.11 29.82 6.17
CA GLU B 283 39.96 28.66 5.72
C GLU B 283 39.45 27.86 4.51
N GLU B 284 38.20 28.08 4.12
CA GLU B 284 37.60 27.41 2.95
C GLU B 284 37.46 28.41 1.75
N ILE B 285 37.26 29.70 1.98
CA ILE B 285 37.37 30.70 0.90
C ILE B 285 38.79 30.73 0.23
N GLU B 286 39.83 30.50 1.06
CA GLU B 286 41.23 30.37 0.56
C GLU B 286 41.42 29.02 -0.19
N LYS B 287 41.12 27.88 0.46
CA LYS B 287 41.27 26.54 -0.16
C LYS B 287 40.26 26.24 -1.32
N GLY B 288 39.63 27.27 -1.93
CA GLY B 288 38.81 27.13 -3.16
C GLY B 288 37.30 26.84 -3.09
N VAL B 289 36.81 26.31 -1.97
CA VAL B 289 35.40 25.92 -1.81
C VAL B 289 34.31 26.92 -2.17
N GLU B 290 33.26 26.40 -2.78
CA GLU B 290 32.07 27.22 -3.11
C GLU B 290 30.91 26.83 -2.24
N ILE B 291 29.98 27.76 -2.08
CA ILE B 291 28.87 27.45 -1.17
C ILE B 291 28.01 26.27 -1.68
N GLU B 292 27.97 26.06 -3.00
CA GLU B 292 27.11 25.04 -3.56
C GLU B 292 27.58 23.65 -3.22
N GLU B 293 28.88 23.44 -3.03
CA GLU B 293 29.33 22.11 -2.54
C GLU B 293 28.76 21.83 -1.13
N LYS B 294 28.69 22.85 -0.28
CA LYS B 294 28.09 22.66 1.07
C LYS B 294 26.58 22.45 1.02
N ILE B 295 25.87 23.17 0.15
CA ILE B 295 24.44 22.93 -0.06
C ILE B 295 24.19 21.53 -0.48
N VAL B 296 24.91 21.06 -1.51
CA VAL B 296 24.65 19.75 -2.06
C VAL B 296 24.98 18.68 -1.05
N ASP B 297 26.06 18.88 -0.30
CA ASP B 297 26.38 17.90 0.77
C ASP B 297 25.22 17.77 1.82
N ASN B 298 24.64 18.90 2.24
CA ASN B 298 23.45 18.88 3.18
C ASN B 298 22.26 18.22 2.57
N LEU B 299 21.88 18.61 1.30
CA LEU B 299 20.77 18.03 0.58
C LEU B 299 20.84 16.54 0.20
N GLN B 300 22.00 16.09 -0.19
CA GLN B 300 22.13 14.65 -0.51
C GLN B 300 21.90 13.79 0.74
N SER B 301 22.45 14.25 1.85
CA SER B 301 22.27 13.54 3.14
C SER B 301 20.78 13.53 3.53
N ARG B 302 20.10 14.68 3.43
CA ARG B 302 18.63 14.71 3.61
C ARG B 302 17.86 13.79 2.67
N HIS B 303 18.28 13.70 1.38
CA HIS B 303 17.62 12.88 0.36
C HIS B 303 17.78 11.38 0.71
N THR B 304 18.94 11.02 1.21
CA THR B 304 19.16 9.62 1.71
C THR B 304 18.09 9.27 2.81
N ALA B 305 17.94 10.15 3.78
CA ALA B 305 16.97 9.89 4.87
C ALA B 305 15.52 9.87 4.35
N PHE B 306 15.21 10.71 3.37
CA PHE B 306 13.87 10.73 2.79
C PHE B 306 13.55 9.45 1.99
N ILE B 307 14.53 8.92 1.26
CA ILE B 307 14.36 7.68 0.50
C ILE B 307 14.12 6.51 1.47
N GLY B 308 14.83 6.46 2.61
CA GLY B 308 14.50 5.55 3.74
C GLY B 308 14.55 4.06 3.45
N ASP C 5 17.41 -11.09 -17.66
CA ASP C 5 16.27 -11.93 -18.00
C ASP C 5 15.14 -11.49 -17.10
N PRO C 6 14.09 -10.93 -17.68
CA PRO C 6 13.08 -10.27 -16.79
C PRO C 6 12.09 -11.21 -16.01
N VAL C 7 11.73 -12.33 -16.59
CA VAL C 7 10.77 -13.22 -15.98
C VAL C 7 11.39 -14.15 -14.98
N ALA C 8 12.69 -14.01 -14.76
CA ALA C 8 13.44 -14.93 -13.91
C ALA C 8 13.27 -14.76 -12.44
N GLU C 9 12.91 -13.56 -12.01
CA GLU C 9 12.72 -13.33 -10.60
C GLU C 9 11.39 -13.86 -10.10
N PHE C 10 10.58 -14.36 -11.01
CA PHE C 10 9.28 -14.93 -10.71
C PHE C 10 9.39 -16.45 -10.69
N PRO C 11 8.77 -17.13 -9.72
CA PRO C 11 8.85 -18.61 -9.70
C PRO C 11 8.12 -19.25 -10.90
N GLN C 12 8.62 -20.36 -11.41
CA GLN C 12 7.97 -21.11 -12.48
C GLN C 12 6.78 -21.85 -11.99
N PRO C 13 5.73 -21.94 -12.81
CA PRO C 13 4.57 -22.77 -12.44
C PRO C 13 4.91 -24.26 -12.55
N PRO C 14 4.15 -25.10 -11.84
CA PRO C 14 4.40 -26.55 -11.85
C PRO C 14 4.18 -27.09 -13.27
N GLY C 15 5.12 -27.90 -13.74
CA GLY C 15 5.00 -28.48 -15.08
C GLY C 15 5.32 -27.55 -16.23
N ALA C 16 6.04 -26.47 -16.00
CA ALA C 16 6.31 -25.46 -17.04
C ALA C 16 6.99 -26.05 -18.30
N ALA C 17 7.99 -26.90 -18.08
CA ALA C 17 8.65 -27.59 -19.20
C ALA C 17 7.71 -28.58 -19.99
N ARG C 18 6.83 -29.28 -19.29
CA ARG C 18 5.86 -30.11 -19.98
C ARG C 18 4.85 -29.27 -20.78
N TRP C 19 4.38 -28.16 -20.22
CA TRP C 19 3.44 -27.29 -20.96
C TRP C 19 4.11 -26.73 -22.22
N ALA C 20 5.35 -26.28 -22.09
CA ALA C 20 6.03 -25.69 -23.26
C ALA C 20 6.09 -26.70 -24.40
N GLU C 21 6.43 -27.95 -24.10
CA GLU C 21 6.40 -29.00 -25.11
C GLU C 21 5.01 -29.32 -25.73
N VAL C 22 3.97 -29.44 -24.89
CA VAL C 22 2.61 -29.65 -25.38
C VAL C 22 2.19 -28.51 -26.30
N MET C 23 2.46 -27.28 -25.90
CA MET C 23 2.13 -26.12 -26.77
C MET C 23 2.87 -26.13 -28.13
N ALA C 24 4.14 -26.53 -28.09
CA ALA C 24 5.00 -26.60 -29.33
C ALA C 24 4.50 -27.67 -30.29
N ARG C 25 4.08 -28.81 -29.77
CA ARG C 25 3.51 -29.88 -30.60
C ARG C 25 2.17 -29.47 -31.23
N PHE C 26 1.31 -28.79 -30.46
CA PHE C 26 0.03 -28.27 -30.96
C PHE C 26 0.20 -27.36 -32.13
N ALA C 27 1.02 -26.34 -31.98
CA ALA C 27 1.20 -25.37 -33.01
C ALA C 27 1.89 -25.95 -34.24
N ALA C 28 2.89 -26.79 -34.07
CA ALA C 28 3.55 -27.43 -35.22
C ALA C 28 2.60 -28.32 -36.04
N ARG C 29 1.80 -29.09 -35.31
CA ARG C 29 0.76 -29.87 -35.97
CA ARG C 29 0.74 -29.86 -35.96
C ARG C 29 -0.33 -29.05 -36.88
N LEU C 30 -0.74 -27.94 -36.26
CA LEU C 30 -1.70 -27.04 -36.95
C LEU C 30 -1.07 -26.24 -38.11
N GLY C 31 0.16 -25.76 -37.91
CA GLY C 31 0.93 -25.14 -39.01
C GLY C 31 1.20 -26.09 -40.21
N ALA C 32 1.53 -27.34 -39.93
CA ALA C 32 1.65 -28.42 -40.96
C ALA C 32 0.38 -28.67 -41.77
N GLN C 33 -0.79 -28.44 -41.21
CA GLN C 33 -2.05 -28.49 -42.00
C GLN C 33 -2.33 -27.17 -42.72
N GLY C 34 -1.46 -26.16 -42.62
CA GLY C 34 -1.76 -24.83 -43.11
C GLY C 34 -2.77 -23.95 -42.34
N ARG C 35 -3.09 -24.27 -41.12
CA ARG C 35 -4.05 -23.49 -40.38
C ARG C 35 -3.50 -22.31 -39.58
N ARG C 36 -4.24 -21.24 -39.51
CA ARG C 36 -3.82 -20.14 -38.63
C ARG C 36 -3.99 -20.55 -37.16
N VAL C 37 -3.17 -20.01 -36.29
CA VAL C 37 -3.24 -20.26 -34.84
C VAL C 37 -3.24 -18.95 -34.05
N VAL C 38 -4.13 -18.83 -33.05
CA VAL C 38 -4.23 -17.65 -32.22
C VAL C 38 -4.01 -18.07 -30.78
N LEU C 39 -3.16 -17.31 -30.08
CA LEU C 39 -3.10 -17.36 -28.61
C LEU C 39 -4.11 -16.37 -28.08
N VAL C 40 -5.13 -16.89 -27.39
CA VAL C 40 -6.11 -16.04 -26.69
C VAL C 40 -5.78 -16.09 -25.22
N THR C 41 -5.44 -14.95 -24.63
CA THR C 41 -5.24 -14.85 -23.16
C THR C 41 -6.47 -14.20 -22.52
N SER C 42 -6.86 -14.72 -21.36
CA SER C 42 -8.17 -14.41 -20.84
C SER C 42 -8.19 -14.51 -19.31
N GLY C 43 -8.94 -13.60 -18.68
CA GLY C 43 -9.00 -13.57 -17.23
C GLY C 43 -7.89 -12.69 -16.62
N GLY C 44 -7.95 -12.51 -15.32
CA GLY C 44 -6.99 -11.63 -14.64
C GLY C 44 -5.93 -12.41 -13.88
N THR C 45 -4.78 -11.79 -13.66
CA THR C 45 -3.75 -12.34 -12.83
C THR C 45 -3.85 -11.77 -11.41
N LYS C 46 -3.26 -12.49 -10.47
CA LYS C 46 -3.11 -11.97 -9.14
C LYS C 46 -1.69 -12.09 -8.55
N VAL C 47 -1.36 -11.22 -7.58
CA VAL C 47 -0.08 -11.26 -6.91
C VAL C 47 -0.22 -11.37 -5.41
N PRO C 48 0.64 -12.19 -4.78
CA PRO C 48 0.62 -12.31 -3.33
C PRO C 48 1.29 -11.13 -2.61
N LEU C 49 0.91 -10.92 -1.36
CA LEU C 49 1.57 -9.96 -0.48
C LEU C 49 2.45 -10.62 0.63
N GLU C 50 2.29 -11.93 0.85
CA GLU C 50 2.96 -12.69 1.91
C GLU C 50 3.55 -13.96 1.26
N ALA C 51 4.59 -14.52 1.89
CA ALA C 51 5.23 -15.77 1.41
C ALA C 51 4.30 -16.99 1.51
N ARG C 52 3.54 -17.05 2.59
CA ARG C 52 2.40 -18.05 2.71
CA ARG C 52 2.40 -18.06 2.72
C ARG C 52 0.96 -17.24 2.52
N PRO C 53 0.57 -17.18 1.25
CA PRO C 53 -0.37 -16.08 1.02
C PRO C 53 -1.82 -16.35 1.39
N VAL C 54 -2.46 -15.43 2.11
CA VAL C 54 -3.87 -15.50 2.36
C VAL C 54 -4.63 -14.37 1.64
N ARG C 55 -3.94 -13.46 0.97
CA ARG C 55 -4.61 -12.37 0.25
C ARG C 55 -3.82 -12.01 -0.99
N PHE C 56 -4.48 -11.42 -1.97
CA PHE C 56 -3.82 -11.18 -3.26
C PHE C 56 -4.37 -9.87 -3.82
N LEU C 57 -3.53 -9.12 -4.49
CA LEU C 57 -4.05 -7.98 -5.31
C LEU C 57 -4.40 -8.59 -6.69
N ASP C 58 -5.68 -8.53 -7.07
CA ASP C 58 -6.26 -9.23 -8.25
C ASP C 58 -6.78 -8.21 -9.28
N ASN C 59 -6.33 -8.27 -10.53
CA ASN C 59 -6.93 -7.39 -11.56
C ASN C 59 -8.24 -7.98 -12.03
N PHE C 60 -9.25 -7.14 -12.17
CA PHE C 60 -10.59 -7.57 -12.57
C PHE C 60 -10.72 -8.03 -14.05
N SER C 61 -11.34 -9.21 -14.23
CA SER C 61 -11.75 -9.73 -15.58
C SER C 61 -12.62 -10.99 -15.39
N SER C 62 -13.86 -10.97 -15.89
CA SER C 62 -14.74 -12.18 -15.75
C SER C 62 -14.20 -13.34 -16.66
N GLY C 63 -13.49 -13.00 -17.75
CA GLY C 63 -13.12 -13.96 -18.76
C GLY C 63 -14.13 -14.10 -19.91
N ARG C 64 -15.22 -13.38 -19.84
CA ARG C 64 -16.19 -13.46 -20.90
C ARG C 64 -15.69 -13.02 -22.26
N ARG C 65 -14.96 -11.92 -22.32
CA ARG C 65 -14.43 -11.48 -23.61
C ARG C 65 -13.58 -12.59 -24.21
N GLY C 66 -12.67 -13.11 -23.43
CA GLY C 66 -11.80 -14.18 -23.94
C GLY C 66 -12.49 -15.46 -24.37
N ALA C 67 -13.41 -15.95 -23.53
CA ALA C 67 -14.18 -17.16 -23.79
C ALA C 67 -15.03 -17.03 -25.07
N THR C 68 -15.75 -15.90 -25.20
CA THR C 68 -16.57 -15.65 -26.39
C THR C 68 -15.69 -15.47 -27.61
N SER C 69 -14.50 -14.83 -27.46
CA SER C 69 -13.60 -14.71 -28.61
C SER C 69 -13.05 -16.07 -29.06
N ALA C 70 -12.67 -16.92 -28.12
CA ALA C 70 -12.21 -18.25 -28.46
C ALA C 70 -13.24 -19.04 -29.28
N GLU C 71 -14.52 -18.92 -28.91
CA GLU C 71 -15.62 -19.54 -29.66
C GLU C 71 -15.70 -19.01 -31.05
N ALA C 72 -15.59 -17.68 -31.20
CA ALA C 72 -15.67 -17.09 -32.52
C ALA C 72 -14.47 -17.42 -33.40
N PHE C 73 -13.28 -17.47 -32.83
CA PHE C 73 -12.07 -17.89 -33.57
C PHE C 73 -12.14 -19.37 -34.04
N LEU C 74 -12.61 -20.26 -33.16
CA LEU C 74 -12.90 -21.66 -33.57
C LEU C 74 -13.89 -21.76 -34.72
N ALA C 75 -14.98 -21.00 -34.69
CA ALA C 75 -15.94 -20.99 -35.81
C ALA C 75 -15.35 -20.43 -37.09
N ALA C 76 -14.37 -19.50 -36.98
CA ALA C 76 -13.67 -18.96 -38.15
C ALA C 76 -12.56 -19.87 -38.72
N GLY C 77 -12.36 -21.05 -38.20
CA GLY C 77 -11.32 -21.96 -38.67
C GLY C 77 -9.93 -21.90 -38.04
N TYR C 78 -9.74 -21.09 -37.01
CA TYR C 78 -8.41 -20.97 -36.39
C TYR C 78 -8.22 -22.14 -35.44
N GLY C 79 -6.98 -22.49 -35.21
CA GLY C 79 -6.62 -23.22 -34.01
C GLY C 79 -6.45 -22.26 -32.85
N VAL C 80 -6.86 -22.66 -31.64
CA VAL C 80 -6.88 -21.75 -30.49
C VAL C 80 -6.11 -22.33 -29.32
N LEU C 81 -5.06 -21.61 -28.91
CA LEU C 81 -4.30 -21.87 -27.72
C LEU C 81 -4.90 -20.92 -26.67
N PHE C 82 -5.64 -21.46 -25.71
CA PHE C 82 -6.48 -20.66 -24.72
C PHE C 82 -5.74 -20.65 -23.35
N LEU C 83 -5.04 -19.55 -23.02
CA LEU C 83 -4.24 -19.38 -21.79
C LEU C 83 -5.10 -18.57 -20.85
N TYR C 84 -5.67 -19.22 -19.83
CA TYR C 84 -6.77 -18.61 -19.07
C TYR C 84 -6.65 -18.77 -17.59
N ARG C 85 -7.22 -17.82 -16.86
CA ARG C 85 -7.28 -17.84 -15.40
C ARG C 85 -8.14 -18.97 -14.97
N ALA C 86 -7.62 -19.85 -14.11
CA ALA C 86 -8.34 -21.05 -13.69
C ALA C 86 -9.68 -20.63 -13.05
N ARG C 87 -10.75 -21.24 -13.47
CA ARG C 87 -12.08 -20.96 -12.97
C ARG C 87 -12.78 -19.72 -13.53
N SER C 88 -12.11 -18.92 -14.34
CA SER C 88 -12.77 -17.82 -15.05
C SER C 88 -13.62 -18.42 -16.19
N ALA C 89 -14.31 -17.59 -16.99
CA ALA C 89 -15.27 -18.06 -17.95
C ALA C 89 -14.62 -18.99 -18.96
N PHE C 90 -15.28 -20.14 -19.18
CA PHE C 90 -14.80 -21.19 -20.11
C PHE C 90 -15.68 -21.22 -21.34
N PRO C 91 -15.07 -21.32 -22.54
CA PRO C 91 -15.82 -21.43 -23.79
C PRO C 91 -16.99 -22.45 -23.77
N TYR C 92 -18.16 -22.04 -24.26
CA TYR C 92 -19.37 -22.87 -24.39
C TYR C 92 -20.08 -23.09 -23.03
N ALA C 93 -19.34 -23.39 -21.99
CA ALA C 93 -19.91 -23.63 -20.67
C ALA C 93 -20.38 -22.42 -19.93
N HIS C 94 -19.83 -21.25 -20.21
CA HIS C 94 -20.03 -20.10 -19.36
C HIS C 94 -21.45 -19.63 -19.42
N ARG C 95 -22.24 -20.02 -20.40
CA ARG C 95 -23.69 -19.63 -20.39
C ARG C 95 -24.54 -20.55 -19.51
N PHE C 96 -23.97 -21.58 -18.89
CA PHE C 96 -24.75 -22.55 -18.11
C PHE C 96 -24.12 -22.68 -16.71
N PRO C 97 -24.38 -21.72 -15.84
CA PRO C 97 -23.84 -21.89 -14.49
C PRO C 97 -24.41 -23.11 -13.68
N PRO C 98 -23.71 -23.55 -12.61
CA PRO C 98 -24.08 -24.68 -11.76
C PRO C 98 -25.56 -24.76 -11.37
N GLN C 99 -26.16 -23.68 -10.93
CA GLN C 99 -27.54 -23.78 -10.47
C GLN C 99 -28.48 -24.02 -11.65
N THR C 100 -28.17 -23.51 -12.84
CA THR C 100 -28.99 -23.79 -14.01
C THR C 100 -29.02 -25.28 -14.33
N TRP C 101 -27.86 -25.91 -14.43
CA TRP C 101 -27.86 -27.33 -14.83
C TRP C 101 -28.28 -28.25 -13.69
N LEU C 102 -27.91 -27.93 -12.47
CA LEU C 102 -28.34 -28.72 -11.28
C LEU C 102 -29.85 -28.84 -11.19
N SER C 103 -30.56 -27.81 -11.56
CA SER C 103 -31.98 -27.90 -11.49
C SER C 103 -32.68 -28.43 -12.74
N ALA C 104 -32.09 -28.25 -13.90
CA ALA C 104 -32.68 -28.69 -15.19
C ALA C 104 -32.51 -30.20 -15.48
N LEU C 105 -31.31 -30.77 -15.24
CA LEU C 105 -30.99 -32.16 -15.59
C LEU C 105 -31.62 -33.15 -14.60
N ARG C 106 -32.34 -34.15 -15.11
CA ARG C 106 -32.87 -35.24 -14.24
C ARG C 106 -32.47 -36.63 -14.76
N PRO C 107 -32.01 -37.53 -13.89
CA PRO C 107 -31.79 -38.95 -14.37
C PRO C 107 -33.10 -39.58 -14.87
N SER C 108 -33.06 -40.33 -15.97
CA SER C 108 -34.24 -41.00 -16.49
C SER C 108 -34.39 -42.48 -15.96
N GLY C 109 -33.42 -42.95 -15.20
CA GLY C 109 -33.46 -44.25 -14.54
C GLY C 109 -32.08 -44.44 -13.91
N PRO C 110 -31.85 -45.57 -13.24
CA PRO C 110 -30.50 -45.90 -12.79
C PRO C 110 -29.61 -46.25 -13.99
N ALA C 111 -28.32 -46.08 -13.83
CA ALA C 111 -27.37 -46.35 -14.89
C ALA C 111 -27.33 -47.87 -15.20
N LEU C 112 -27.60 -48.22 -16.43
CA LEU C 112 -27.70 -49.61 -16.87
C LEU C 112 -26.65 -49.75 -17.95
N SER C 113 -25.95 -50.88 -17.91
CA SER C 113 -24.94 -51.21 -18.93
C SER C 113 -23.83 -50.14 -18.93
N GLY C 114 -23.54 -49.54 -17.76
CA GLY C 114 -22.53 -48.52 -17.60
C GLY C 114 -22.86 -47.15 -18.26
N LEU C 115 -24.11 -46.93 -18.63
CA LEU C 115 -24.57 -45.70 -19.31
C LEU C 115 -25.59 -44.92 -18.44
N LEU C 116 -25.32 -43.65 -18.17
CA LEU C 116 -26.23 -42.76 -17.43
C LEU C 116 -27.06 -41.98 -18.43
N SER C 117 -28.38 -42.04 -18.34
CA SER C 117 -29.28 -41.25 -19.19
C SER C 117 -29.96 -40.13 -18.40
N LEU C 118 -30.05 -38.98 -19.01
CA LEU C 118 -30.49 -37.73 -18.39
C LEU C 118 -31.48 -37.08 -19.35
N GLU C 119 -32.46 -36.35 -18.79
CA GLU C 119 -33.34 -35.51 -19.62
C GLU C 119 -33.53 -34.14 -18.99
N ALA C 120 -33.93 -33.19 -19.82
CA ALA C 120 -34.25 -31.85 -19.42
C ALA C 120 -35.28 -31.25 -20.36
N GLU C 121 -36.09 -30.31 -19.85
CA GLU C 121 -36.91 -29.42 -20.71
C GLU C 121 -35.94 -28.60 -21.57
N GLU C 122 -36.11 -28.65 -22.89
CA GLU C 122 -35.25 -27.89 -23.79
C GLU C 122 -35.23 -26.38 -23.49
N ASN C 123 -36.39 -25.83 -23.15
CA ASN C 123 -36.48 -24.40 -22.82
CA ASN C 123 -36.48 -24.41 -22.83
C ASN C 123 -35.78 -24.01 -21.51
N ALA C 124 -35.48 -24.98 -20.63
CA ALA C 124 -34.62 -24.69 -19.43
C ALA C 124 -33.07 -24.58 -19.73
N LEU C 125 -32.58 -25.18 -20.79
CA LEU C 125 -31.16 -25.11 -21.19
C LEU C 125 -31.02 -24.78 -22.71
N PRO C 126 -31.41 -23.54 -23.09
CA PRO C 126 -31.39 -23.20 -24.53
C PRO C 126 -29.97 -23.17 -25.05
N GLY C 127 -29.75 -23.80 -26.20
CA GLY C 127 -28.39 -23.89 -26.78
C GLY C 127 -27.46 -24.96 -26.18
N PHE C 128 -27.93 -25.79 -25.24
CA PHE C 128 -27.07 -26.72 -24.50
C PHE C 128 -26.50 -27.81 -25.42
N ALA C 129 -27.35 -28.43 -26.21
CA ALA C 129 -26.88 -29.40 -27.23
C ALA C 129 -25.86 -28.85 -28.24
N GLU C 130 -26.11 -27.65 -28.77
CA GLU C 130 -25.17 -27.01 -29.69
C GLU C 130 -23.79 -26.72 -28.98
N ALA C 131 -23.81 -26.33 -27.71
CA ALA C 131 -22.58 -26.13 -26.94
C ALA C 131 -21.78 -27.43 -26.80
N LEU C 132 -22.44 -28.52 -26.44
CA LEU C 132 -21.76 -29.82 -26.33
C LEU C 132 -21.15 -30.25 -27.67
N ARG C 133 -21.90 -30.07 -28.73
CA ARG C 133 -21.43 -30.41 -30.05
C ARG C 133 -20.23 -29.57 -30.49
N SER C 134 -20.28 -28.26 -30.30
CA SER C 134 -19.14 -27.40 -30.72
C SER C 134 -17.89 -27.72 -29.97
N TYR C 135 -17.99 -27.95 -28.68
CA TYR C 135 -16.83 -28.25 -27.87
C TYR C 135 -16.25 -29.59 -28.34
N GLN C 136 -17.11 -30.60 -28.50
CA GLN C 136 -16.64 -31.97 -28.87
C GLN C 136 -16.00 -32.03 -30.29
N GLU C 137 -16.52 -31.25 -31.22
CA GLU C 137 -15.93 -31.13 -32.55
C GLU C 137 -14.50 -30.53 -32.56
N ALA C 138 -14.26 -29.53 -31.71
CA ALA C 138 -12.93 -28.93 -31.56
C ALA C 138 -11.91 -29.86 -30.91
N ALA C 139 -12.27 -30.50 -29.80
CA ALA C 139 -11.50 -31.58 -29.18
C ALA C 139 -11.15 -32.67 -30.20
N ALA C 140 -12.12 -33.15 -31.00
CA ALA C 140 -11.86 -34.23 -31.97
C ALA C 140 -10.89 -33.80 -33.10
N ALA C 141 -10.99 -32.54 -33.55
CA ALA C 141 -10.08 -32.00 -34.58
C ALA C 141 -8.70 -31.62 -33.99
N GLY C 142 -8.55 -31.57 -32.67
CA GLY C 142 -7.30 -31.12 -32.03
C GLY C 142 -7.00 -29.64 -32.29
N THR C 143 -8.05 -28.79 -32.38
CA THR C 143 -7.89 -27.35 -32.64
C THR C 143 -8.01 -26.45 -31.41
N PHE C 144 -8.10 -27.02 -30.23
CA PHE C 144 -8.40 -26.23 -29.00
C PHE C 144 -7.55 -26.73 -27.86
N LEU C 145 -6.50 -26.00 -27.47
CA LEU C 145 -5.67 -26.45 -26.33
C LEU C 145 -5.81 -25.45 -25.17
N VAL C 146 -6.12 -25.94 -23.97
CA VAL C 146 -6.39 -25.13 -22.81
C VAL C 146 -5.24 -25.19 -21.82
N VAL C 147 -4.77 -24.05 -21.35
CA VAL C 147 -3.65 -23.93 -20.44
C VAL C 147 -4.08 -23.00 -19.32
N GLU C 148 -4.12 -23.48 -18.07
CA GLU C 148 -4.58 -22.64 -16.89
C GLU C 148 -3.45 -21.89 -16.23
N PHE C 149 -3.72 -20.66 -15.75
CA PHE C 149 -2.76 -19.96 -14.90
C PHE C 149 -3.56 -19.40 -13.71
N THR C 150 -2.87 -18.97 -12.67
CA THR C 150 -3.46 -18.25 -11.57
C THR C 150 -2.75 -16.97 -11.21
N THR C 151 -1.46 -17.05 -10.87
CA THR C 151 -0.68 -15.89 -10.50
C THR C 151 -0.04 -15.14 -11.66
N LEU C 152 0.40 -13.88 -11.40
CA LEU C 152 1.22 -13.16 -12.38
C LEU C 152 2.45 -14.03 -12.80
N ALA C 153 3.13 -14.59 -11.82
CA ALA C 153 4.25 -15.51 -12.12
C ALA C 153 3.95 -16.66 -13.09
N ASP C 154 2.84 -17.37 -12.90
CA ASP C 154 2.40 -18.41 -13.81
C ASP C 154 2.14 -17.83 -15.21
N TYR C 155 1.44 -16.70 -15.25
CA TYR C 155 1.09 -16.12 -16.51
C TYR C 155 2.34 -15.71 -17.33
N LEU C 156 3.29 -15.01 -16.72
CA LEU C 156 4.52 -14.53 -17.45
C LEU C 156 5.34 -15.67 -18.03
N HIS C 157 5.58 -16.73 -17.25
CA HIS C 157 6.26 -17.91 -17.80
C HIS C 157 5.51 -18.62 -18.91
N LEU C 158 4.19 -18.77 -18.75
CA LEU C 158 3.42 -19.47 -19.79
C LEU C 158 3.26 -18.66 -21.08
N LEU C 159 3.15 -17.35 -20.97
CA LEU C 159 3.13 -16.45 -22.11
C LEU C 159 4.46 -16.51 -22.92
N GLN C 160 5.57 -16.55 -22.22
CA GLN C 160 6.87 -16.83 -22.90
C GLN C 160 6.98 -18.19 -23.57
N ALA C 161 6.48 -19.22 -22.94
CA ALA C 161 6.44 -20.55 -23.57
C ALA C 161 5.51 -20.61 -24.77
N ALA C 162 4.36 -19.92 -24.70
CA ALA C 162 3.45 -19.88 -25.83
C ALA C 162 4.08 -19.17 -27.05
N ALA C 163 4.75 -18.07 -26.80
CA ALA C 163 5.43 -17.32 -27.85
C ALA C 163 6.48 -18.13 -28.57
N GLN C 164 7.24 -18.93 -27.82
CA GLN C 164 8.21 -19.88 -28.38
C GLN C 164 7.56 -20.93 -29.23
N ALA C 165 6.44 -21.46 -28.76
CA ALA C 165 5.63 -22.34 -29.60
C ALA C 165 5.08 -21.71 -30.91
N LEU C 166 4.71 -20.41 -30.93
CA LEU C 166 4.04 -19.82 -32.11
C LEU C 166 5.04 -19.15 -33.06
N ASN C 167 6.23 -18.87 -32.56
CA ASN C 167 7.29 -18.21 -33.37
C ASN C 167 7.58 -18.94 -34.75
N PRO C 168 7.65 -20.26 -34.80
CA PRO C 168 7.84 -20.90 -36.11
C PRO C 168 6.79 -20.67 -37.20
N LEU C 169 5.56 -20.28 -36.84
CA LEU C 169 4.50 -20.03 -37.82
C LEU C 169 4.59 -18.65 -38.48
N GLY C 170 5.55 -17.83 -38.04
CA GLY C 170 5.73 -16.50 -38.59
C GLY C 170 4.45 -15.67 -38.56
N PRO C 171 4.10 -15.05 -39.70
CA PRO C 171 2.91 -14.25 -39.77
C PRO C 171 1.57 -15.00 -39.64
N SER C 172 1.55 -16.32 -39.73
CA SER C 172 0.29 -17.08 -39.56
C SER C 172 -0.20 -17.21 -38.10
N ALA C 173 0.64 -16.82 -37.18
CA ALA C 173 0.28 -16.78 -35.75
C ALA C 173 -0.23 -15.41 -35.34
N MET C 174 -1.23 -15.41 -34.46
CA MET C 174 -1.86 -14.21 -33.95
C MET C 174 -1.79 -14.26 -32.43
N PHE C 175 -1.54 -13.11 -31.79
CA PHE C 175 -1.64 -13.00 -30.33
C PHE C 175 -2.82 -12.07 -30.04
N TYR C 176 -3.76 -12.53 -29.20
CA TYR C 176 -4.94 -11.76 -28.87
C TYR C 176 -4.89 -11.62 -27.36
N LEU C 177 -4.35 -10.49 -26.89
CA LEU C 177 -3.97 -10.38 -25.46
C LEU C 177 -5.02 -9.67 -24.59
N ALA C 178 -6.07 -10.42 -24.26
CA ALA C 178 -7.19 -9.89 -23.51
C ALA C 178 -7.05 -9.96 -22.00
N ALA C 179 -6.01 -10.67 -21.53
CA ALA C 179 -5.82 -10.85 -20.08
C ALA C 179 -5.58 -9.53 -19.38
N ALA C 180 -6.09 -9.44 -18.16
CA ALA C 180 -5.89 -8.29 -17.32
C ALA C 180 -4.70 -8.52 -16.40
N VAL C 181 -3.53 -7.97 -16.72
CA VAL C 181 -2.28 -8.42 -16.10
C VAL C 181 -1.88 -7.49 -14.98
N SER C 182 -1.49 -8.04 -13.84
CA SER C 182 -1.07 -7.21 -12.63
C SER C 182 -0.03 -6.15 -13.00
N ASP C 183 -0.24 -4.93 -12.60
CA ASP C 183 0.66 -3.82 -12.88
C ASP C 183 1.74 -3.65 -11.78
N PHE C 184 1.50 -4.23 -10.60
CA PHE C 184 2.34 -4.03 -9.46
C PHE C 184 2.58 -5.38 -8.78
N TYR C 185 3.70 -5.51 -8.08
CA TYR C 185 4.05 -6.74 -7.33
C TYR C 185 5.01 -6.46 -6.17
N VAL C 186 5.14 -7.45 -5.28
CA VAL C 186 6.05 -7.42 -4.13
C VAL C 186 7.11 -8.50 -4.41
N PRO C 187 8.37 -8.11 -4.56
CA PRO C 187 9.39 -9.13 -4.91
C PRO C 187 9.59 -10.11 -3.77
N VAL C 188 9.88 -11.37 -4.13
CA VAL C 188 10.06 -12.50 -3.19
C VAL C 188 10.84 -12.09 -1.88
N SER C 189 11.93 -11.32 -2.03
CA SER C 189 12.70 -10.83 -0.87
C SER C 189 12.13 -9.79 0.09
N GLU C 190 11.14 -9.02 -0.31
CA GLU C 190 10.57 -8.02 0.61
C GLU C 190 9.24 -8.51 1.24
N MET C 191 8.84 -9.77 1.08
CA MET C 191 7.51 -10.24 1.61
C MET C 191 7.67 -10.71 3.05
N PRO C 192 6.72 -10.38 3.96
CA PRO C 192 6.76 -11.11 5.25
C PRO C 192 6.45 -12.59 5.09
N GLU C 193 6.91 -13.38 6.05
CA GLU C 193 6.81 -14.82 5.94
C GLU C 193 5.36 -15.30 6.18
N HIS C 194 4.72 -14.78 7.23
CA HIS C 194 3.42 -15.24 7.71
C HIS C 194 2.29 -14.25 7.48
N LYS C 195 1.04 -14.71 7.65
CA LYS C 195 -0.17 -13.86 7.56
C LYS C 195 0.01 -12.47 8.24
N ILE C 196 -0.34 -11.39 7.54
CA ILE C 196 -0.34 -10.07 8.10
C ILE C 196 -1.43 -9.96 9.17
N GLN C 197 -1.08 -9.37 10.31
CA GLN C 197 -2.01 -9.21 11.40
C GLN C 197 -2.83 -7.96 11.28
N SER C 198 -4.17 -8.10 11.33
CA SER C 198 -5.01 -6.90 11.23
C SER C 198 -4.99 -5.99 12.47
N SER C 199 -4.63 -6.52 13.64
CA SER C 199 -4.52 -5.74 14.88
C SER C 199 -3.28 -4.83 14.88
N GLY C 200 -2.35 -5.04 13.93
CA GLY C 200 -1.15 -4.29 13.78
C GLY C 200 -1.25 -2.95 13.07
N GLY C 201 -2.44 -2.38 12.97
CA GLY C 201 -2.58 -1.02 12.40
C GLY C 201 -2.88 -1.03 10.92
N PRO C 202 -2.95 0.13 10.31
CA PRO C 202 -3.32 0.17 8.91
C PRO C 202 -2.29 -0.56 8.04
N LEU C 203 -2.67 -1.11 6.90
CA LEU C 203 -1.74 -1.81 6.00
C LEU C 203 -1.11 -0.76 5.11
N GLN C 204 0.21 -0.69 5.13
CA GLN C 204 1.00 0.25 4.36
C GLN C 204 1.92 -0.59 3.52
N ILE C 205 1.66 -0.61 2.24
CA ILE C 205 2.48 -1.39 1.31
C ILE C 205 2.92 -0.54 0.10
N THR C 206 4.21 -0.65 -0.24
CA THR C 206 4.70 -0.16 -1.51
C THR C 206 4.97 -1.37 -2.43
N MET C 207 4.46 -1.30 -3.63
CA MET C 207 4.58 -2.38 -4.60
C MET C 207 5.32 -1.81 -5.80
N LYS C 208 6.31 -2.53 -6.28
CA LYS C 208 7.11 -2.17 -7.46
C LYS C 208 6.26 -2.37 -8.74
N MET C 209 6.59 -1.61 -9.78
CA MET C 209 6.01 -1.79 -11.11
C MET C 209 6.49 -3.09 -11.77
N VAL C 210 5.53 -3.85 -12.33
CA VAL C 210 5.82 -5.10 -13.01
C VAL C 210 6.41 -4.68 -14.36
N PRO C 211 7.52 -5.27 -14.77
CA PRO C 211 8.04 -4.97 -16.12
C PRO C 211 7.05 -5.34 -17.25
N LYS C 212 6.98 -4.44 -18.24
CA LYS C 212 6.04 -4.58 -19.33
C LYS C 212 6.63 -5.47 -20.42
N LEU C 213 6.26 -6.76 -20.37
CA LEU C 213 6.78 -7.79 -21.30
C LEU C 213 6.23 -7.77 -22.74
N LEU C 214 5.32 -6.86 -23.06
CA LEU C 214 4.92 -6.66 -24.41
C LEU C 214 6.15 -6.20 -25.27
N SER C 215 7.11 -5.45 -24.72
CA SER C 215 8.35 -5.05 -25.54
C SER C 215 9.17 -6.21 -26.02
N PRO C 216 9.64 -7.07 -25.10
CA PRO C 216 10.37 -8.31 -25.56
C PRO C 216 9.53 -9.29 -26.38
N LEU C 217 8.24 -9.39 -26.06
CA LEU C 217 7.33 -10.23 -26.89
C LEU C 217 7.35 -9.83 -28.36
N VAL C 218 7.19 -8.53 -28.64
CA VAL C 218 7.14 -8.00 -29.98
C VAL C 218 8.53 -7.96 -30.66
N LYS C 219 9.59 -7.62 -29.90
CA LYS C 219 10.96 -7.46 -30.45
C LYS C 219 11.70 -8.80 -30.58
N ASP C 220 11.58 -9.69 -29.61
CA ASP C 220 12.47 -10.86 -29.48
C ASP C 220 11.76 -12.20 -29.54
N TRP C 221 10.61 -12.39 -28.85
CA TRP C 221 10.03 -13.72 -28.70
C TRP C 221 9.26 -14.16 -29.92
N ALA C 222 8.49 -13.25 -30.51
CA ALA C 222 7.68 -13.59 -31.66
C ALA C 222 7.63 -12.43 -32.64
N PRO C 223 8.79 -12.09 -33.23
CA PRO C 223 8.89 -10.88 -34.06
C PRO C 223 8.15 -10.84 -35.37
N LYS C 224 7.63 -11.93 -35.88
CA LYS C 224 6.89 -11.94 -37.19
C LYS C 224 5.38 -12.12 -37.02
N ALA C 225 4.94 -12.26 -35.78
CA ALA C 225 3.57 -12.57 -35.53
C ALA C 225 2.67 -11.32 -35.64
N PHE C 226 1.39 -11.59 -35.86
CA PHE C 226 0.36 -10.55 -35.89
C PHE C 226 -0.12 -10.30 -34.45
N ILE C 227 0.26 -9.19 -33.85
CA ILE C 227 0.04 -8.95 -32.37
C ILE C 227 -1.02 -7.89 -32.08
N ILE C 228 -2.08 -8.31 -31.34
CA ILE C 228 -3.18 -7.47 -30.97
C ILE C 228 -3.21 -7.36 -29.45
N SER C 229 -3.19 -6.14 -28.95
CA SER C 229 -3.37 -5.90 -27.50
C SER C 229 -4.72 -5.24 -27.26
N PHE C 230 -5.11 -5.22 -26.00
CA PHE C 230 -6.28 -4.56 -25.52
C PHE C 230 -5.79 -3.34 -24.71
N LYS C 231 -6.58 -2.26 -24.64
CA LYS C 231 -6.32 -1.14 -23.76
C LYS C 231 -7.58 -0.87 -22.97
N LEU C 232 -7.48 -1.03 -21.63
CA LEU C 232 -8.64 -0.75 -20.72
C LEU C 232 -8.44 0.56 -20.05
N GLU C 233 -9.42 1.45 -20.19
CA GLU C 233 -9.44 2.73 -19.46
C GLU C 233 -10.81 2.90 -18.76
N THR C 234 -10.88 3.79 -17.79
CA THR C 234 -12.15 4.15 -17.16
C THR C 234 -12.56 5.55 -17.62
N ASP C 235 -11.67 6.32 -18.21
CA ASP C 235 -11.91 7.76 -18.51
C ASP C 235 -12.05 7.95 -20.04
N PRO C 236 -13.26 8.29 -20.52
CA PRO C 236 -13.44 8.35 -21.98
C PRO C 236 -12.74 9.54 -22.64
N ALA C 237 -12.33 10.55 -21.87
CA ALA C 237 -11.56 11.71 -22.42
C ALA C 237 -10.16 11.34 -22.92
N ILE C 238 -9.54 10.28 -22.37
CA ILE C 238 -8.19 9.90 -22.68
C ILE C 238 -7.92 8.58 -23.40
N VAL C 239 -8.92 7.76 -23.62
CA VAL C 239 -8.68 6.41 -24.12
C VAL C 239 -8.02 6.34 -25.49
N ILE C 240 -8.42 7.22 -26.41
CA ILE C 240 -7.82 7.16 -27.75
C ILE C 240 -6.31 7.47 -27.73
N ASN C 241 -5.95 8.53 -27.04
CA ASN C 241 -4.55 8.94 -26.87
C ASN C 241 -3.72 7.82 -26.20
N ARG C 242 -4.30 7.18 -25.20
CA ARG C 242 -3.58 6.07 -24.53
C ARG C 242 -3.38 4.87 -25.46
N ALA C 243 -4.39 4.54 -26.28
CA ALA C 243 -4.27 3.43 -27.22
C ALA C 243 -3.18 3.73 -28.27
N ARG C 244 -3.20 4.95 -28.82
CA ARG C 244 -2.12 5.35 -29.76
C ARG C 244 -0.71 5.35 -29.16
N LYS C 245 -0.58 5.79 -27.93
CA LYS C 245 0.72 5.77 -27.22
C LYS C 245 1.20 4.32 -27.04
N ALA C 246 0.30 3.39 -26.69
CA ALA C 246 0.69 1.97 -26.67
C ALA C 246 1.32 1.44 -27.99
N LEU C 247 0.74 1.81 -29.14
CA LEU C 247 1.34 1.38 -30.41
C LEU C 247 2.74 2.02 -30.69
N GLU C 248 2.88 3.28 -30.30
CA GLU C 248 4.15 4.02 -30.41
C GLU C 248 5.25 3.35 -29.57
N ILE C 249 4.94 3.02 -28.30
CA ILE C 249 5.89 2.38 -27.41
C ILE C 249 6.21 0.90 -27.78
N TYR C 250 5.20 0.05 -28.02
CA TYR C 250 5.45 -1.37 -28.19
C TYR C 250 5.60 -1.80 -29.66
N GLN C 251 5.13 -1.01 -30.61
CA GLN C 251 5.36 -1.26 -32.06
C GLN C 251 4.68 -2.49 -32.65
N HIS C 252 3.56 -2.88 -32.05
CA HIS C 252 2.79 -4.02 -32.55
C HIS C 252 1.71 -3.49 -33.53
N GLN C 253 0.77 -4.33 -33.96
CA GLN C 253 -0.12 -3.92 -35.08
C GLN C 253 -1.47 -3.25 -34.75
N VAL C 254 -2.16 -3.69 -33.69
CA VAL C 254 -3.52 -3.24 -33.42
C VAL C 254 -3.74 -3.16 -31.93
N VAL C 255 -4.54 -2.17 -31.50
CA VAL C 255 -5.06 -2.11 -30.14
C VAL C 255 -6.59 -2.15 -30.17
N VAL C 256 -7.21 -3.06 -29.40
CA VAL C 256 -8.67 -3.02 -29.15
C VAL C 256 -8.92 -2.24 -27.86
N ALA C 257 -9.41 -1.03 -28.00
CA ALA C 257 -9.64 -0.13 -26.89
C ALA C 257 -11.06 -0.27 -26.33
N ASN C 258 -11.16 -0.15 -25.01
CA ASN C 258 -12.51 -0.28 -24.34
C ASN C 258 -12.54 0.46 -23.02
N ILE C 259 -13.74 0.92 -22.66
CA ILE C 259 -14.08 1.60 -21.42
C ILE C 259 -14.81 0.63 -20.54
N LEU C 260 -14.41 0.54 -19.27
CA LEU C 260 -14.90 -0.50 -18.37
C LEU C 260 -16.43 -0.69 -18.42
N GLU C 261 -17.17 0.40 -18.21
CA GLU C 261 -18.64 0.33 -18.09
C GLU C 261 -19.38 -0.13 -19.37
N SER C 262 -18.89 0.25 -20.56
CA SER C 262 -19.56 -0.12 -21.82
C SER C 262 -18.93 -1.29 -22.58
N ARG C 263 -18.04 -2.04 -21.95
CA ARG C 263 -17.19 -3.00 -22.71
C ARG C 263 -17.94 -4.14 -23.40
N GLN C 264 -19.13 -4.50 -22.88
CA GLN C 264 -19.93 -5.58 -23.51
C GLN C 264 -20.58 -5.12 -24.82
N SER C 265 -20.74 -3.80 -25.03
CA SER C 265 -21.49 -3.32 -26.18
C SER C 265 -20.70 -2.43 -27.16
N PHE C 266 -19.46 -2.09 -26.82
CA PHE C 266 -18.63 -1.18 -27.61
C PHE C 266 -17.13 -1.42 -27.46
N VAL C 267 -16.43 -1.55 -28.60
CA VAL C 267 -14.99 -1.37 -28.67
C VAL C 267 -14.55 -0.44 -29.79
N LEU C 268 -13.35 0.08 -29.66
CA LEU C 268 -12.72 0.82 -30.73
C LEU C 268 -11.46 0.09 -31.20
N ILE C 269 -11.36 -0.23 -32.50
CA ILE C 269 -10.16 -0.86 -33.10
C ILE C 269 -9.21 0.30 -33.53
N VAL C 270 -8.04 0.36 -32.94
CA VAL C 270 -7.12 1.48 -33.12
C VAL C 270 -5.87 0.94 -33.79
N THR C 271 -5.43 1.63 -34.84
CA THR C 271 -4.09 1.44 -35.39
C THR C 271 -3.29 2.73 -35.38
N LYS C 272 -2.05 2.71 -35.86
CA LYS C 272 -1.25 3.97 -35.91
C LYS C 272 -1.97 5.08 -36.66
N ASP C 273 -2.68 4.75 -37.71
CA ASP C 273 -3.32 5.84 -38.52
C ASP C 273 -4.85 5.82 -38.67
N SER C 274 -5.57 4.95 -37.96
CA SER C 274 -7.05 4.95 -38.00
C SER C 274 -7.68 4.45 -36.73
N GLU C 275 -8.96 4.77 -36.58
CA GLU C 275 -9.87 4.21 -35.53
C GLU C 275 -11.17 3.71 -36.14
N THR C 276 -11.67 2.58 -35.66
CA THR C 276 -12.92 2.02 -36.18
C THR C 276 -13.82 1.69 -35.00
N LYS C 277 -15.06 2.21 -35.01
CA LYS C 277 -16.02 1.92 -33.96
C LYS C 277 -16.75 0.64 -34.19
N LEU C 278 -16.89 -0.21 -33.18
CA LEU C 278 -17.68 -1.43 -33.32
C LEU C 278 -18.71 -1.35 -32.22
N LEU C 279 -19.96 -1.16 -32.61
CA LEU C 279 -21.06 -0.95 -31.70
C LEU C 279 -22.12 -1.96 -32.06
N LEU C 280 -22.65 -2.58 -31.02
CA LEU C 280 -23.70 -3.57 -31.21
C LEU C 280 -25.09 -2.89 -31.43
N SER C 281 -25.73 -3.15 -32.57
CA SER C 281 -27.15 -2.67 -32.85
C SER C 281 -28.28 -3.01 -31.81
N GLU C 282 -29.41 -2.30 -31.99
CA GLU C 282 -30.75 -2.75 -31.52
C GLU C 282 -31.18 -4.06 -32.26
N GLU C 283 -31.08 -4.07 -33.61
CA GLU C 283 -31.39 -5.25 -34.49
C GLU C 283 -30.43 -6.46 -34.39
N GLU C 284 -29.29 -6.29 -33.71
CA GLU C 284 -28.29 -7.34 -33.44
C GLU C 284 -28.38 -7.85 -32.00
N ILE C 285 -28.64 -6.97 -31.00
CA ILE C 285 -28.86 -7.45 -29.62
C ILE C 285 -30.10 -8.39 -29.55
N GLU C 286 -31.10 -8.15 -30.41
CA GLU C 286 -32.27 -9.06 -30.57
C GLU C 286 -31.88 -10.37 -31.27
N LYS C 287 -31.33 -10.29 -32.49
CA LYS C 287 -30.93 -11.49 -33.26
C LYS C 287 -29.73 -12.30 -32.66
N GLY C 288 -29.40 -12.10 -31.36
CA GLY C 288 -28.40 -12.91 -30.63
C GLY C 288 -26.89 -12.54 -30.62
N VAL C 289 -26.42 -11.79 -31.62
CA VAL C 289 -25.01 -11.45 -31.78
C VAL C 289 -24.26 -10.82 -30.62
N GLU C 290 -23.03 -11.27 -30.40
CA GLU C 290 -22.20 -10.67 -29.37
C GLU C 290 -21.09 -9.87 -29.99
N ILE C 291 -20.51 -8.99 -29.22
CA ILE C 291 -19.53 -8.07 -29.82
C ILE C 291 -18.27 -8.83 -30.32
N GLU C 292 -17.97 -9.98 -29.70
CA GLU C 292 -16.78 -10.68 -30.04
C GLU C 292 -16.83 -11.29 -31.43
N GLU C 293 -18.02 -11.62 -31.93
CA GLU C 293 -18.08 -12.05 -33.35
C GLU C 293 -17.68 -10.93 -34.31
N LYS C 294 -18.10 -9.72 -34.01
CA LYS C 294 -17.69 -8.56 -34.85
C LYS C 294 -16.20 -8.21 -34.74
N ILE C 295 -15.62 -8.34 -33.54
CA ILE C 295 -14.18 -8.18 -33.36
C ILE C 295 -13.43 -9.16 -34.20
N VAL C 296 -13.79 -10.44 -34.06
CA VAL C 296 -13.03 -11.47 -34.74
C VAL C 296 -13.17 -11.36 -36.24
N ASP C 297 -14.35 -10.99 -36.71
CA ASP C 297 -14.51 -10.76 -38.15
C ASP C 297 -13.59 -9.62 -38.69
N ASN C 298 -13.48 -8.49 -37.96
CA ASN C 298 -12.51 -7.38 -38.31
C ASN C 298 -11.07 -7.85 -38.27
N LEU C 299 -10.65 -8.53 -37.19
CA LEU C 299 -9.28 -9.08 -37.05
C LEU C 299 -8.84 -10.14 -38.02
N GLN C 300 -9.71 -11.09 -38.30
CA GLN C 300 -9.33 -12.13 -39.28
C GLN C 300 -9.07 -11.53 -40.68
N SER C 301 -9.90 -10.57 -41.05
CA SER C 301 -9.71 -9.86 -42.33
C SER C 301 -8.38 -9.08 -42.33
N ARG C 302 -8.07 -8.35 -41.25
CA ARG C 302 -6.73 -7.72 -41.10
C ARG C 302 -5.59 -8.69 -41.13
N HIS C 303 -5.76 -9.90 -40.53
CA HIS C 303 -4.71 -10.91 -40.45
C HIS C 303 -4.45 -11.45 -41.89
N THR C 304 -5.52 -11.62 -42.65
CA THR C 304 -5.36 -12.03 -44.09
C THR C 304 -4.40 -11.01 -44.84
N ALA C 305 -4.68 -9.75 -44.69
CA ALA C 305 -3.88 -8.69 -45.36
C ALA C 305 -2.44 -8.66 -44.86
N PHE C 306 -2.26 -8.93 -43.57
CA PHE C 306 -0.91 -8.97 -42.99
C PHE C 306 -0.09 -10.16 -43.46
N ILE C 307 -0.74 -11.32 -43.62
CA ILE C 307 -0.07 -12.50 -44.13
C ILE C 307 0.32 -12.22 -45.59
N GLY C 308 -0.57 -11.58 -46.35
CA GLY C 308 -0.38 -11.04 -47.72
C GLY C 308 0.93 -10.46 -48.22
N ASP C 309 1.61 -9.68 -47.37
CA ASP C 309 2.81 -8.87 -47.71
C ASP C 309 4.05 -9.44 -47.00
N ARG C 310 3.88 -9.65 -45.69
CA ARG C 310 4.70 -10.56 -44.83
C ARG C 310 4.24 -10.53 -43.31
N ASP D 5 -23.08 3.95 13.72
CA ASP D 5 -23.51 2.63 13.14
C ASP D 5 -22.53 2.12 12.03
N PRO D 6 -21.97 0.90 12.22
CA PRO D 6 -20.67 0.62 11.53
C PRO D 6 -20.73 0.23 10.00
N VAL D 7 -21.87 -0.35 9.59
CA VAL D 7 -22.11 -0.83 8.22
C VAL D 7 -22.55 0.34 7.29
N ALA D 8 -22.99 1.47 7.85
CA ALA D 8 -23.54 2.59 7.05
C ALA D 8 -22.60 3.25 6.08
N GLU D 9 -21.37 3.22 6.28
CA GLU D 9 -20.38 3.80 5.38
C GLU D 9 -20.08 2.99 4.13
N PHE D 10 -20.52 1.75 4.13
CA PHE D 10 -20.38 0.87 2.99
C PHE D 10 -21.63 0.96 2.16
N PRO D 11 -21.52 0.99 0.83
CA PRO D 11 -22.77 0.99 -0.02
C PRO D 11 -23.58 -0.31 0.10
N GLN D 12 -24.90 -0.23 0.02
CA GLN D 12 -25.79 -1.42 0.03
C GLN D 12 -25.76 -2.14 -1.26
N PRO D 13 -25.82 -3.48 -1.24
CA PRO D 13 -25.90 -4.22 -2.50
C PRO D 13 -27.29 -4.04 -3.13
N PRO D 14 -27.40 -4.28 -4.44
CA PRO D 14 -28.67 -4.12 -5.15
C PRO D 14 -29.69 -5.13 -4.63
N GLY D 15 -30.88 -4.66 -4.33
CA GLY D 15 -31.94 -5.54 -3.80
C GLY D 15 -31.82 -5.94 -2.34
N ALA D 16 -31.06 -5.20 -1.54
CA ALA D 16 -30.81 -5.56 -0.14
C ALA D 16 -32.12 -5.72 0.66
N ALA D 17 -33.06 -4.80 0.48
CA ALA D 17 -34.39 -4.92 1.13
C ALA D 17 -35.21 -6.19 0.67
N ARG D 18 -35.17 -6.53 -0.60
CA ARG D 18 -35.80 -7.73 -1.12
C ARG D 18 -35.13 -9.01 -0.53
N TRP D 19 -33.81 -9.03 -0.46
CA TRP D 19 -33.10 -10.19 0.16
C TRP D 19 -33.47 -10.34 1.62
N ALA D 20 -33.48 -9.26 2.36
CA ALA D 20 -33.77 -9.34 3.80
C ALA D 20 -35.13 -10.00 4.02
N GLU D 21 -36.14 -9.60 3.24
CA GLU D 21 -37.46 -10.24 3.31
C GLU D 21 -37.53 -11.73 2.91
N VAL D 22 -36.88 -12.09 1.80
CA VAL D 22 -36.78 -13.48 1.40
C VAL D 22 -36.12 -14.32 2.50
N MET D 23 -35.03 -13.82 3.07
CA MET D 23 -34.33 -14.58 4.18
C MET D 23 -35.23 -14.74 5.42
N ALA D 24 -35.97 -13.69 5.71
CA ALA D 24 -36.91 -13.73 6.89
C ALA D 24 -38.04 -14.74 6.70
N ARG D 25 -38.57 -14.86 5.50
CA ARG D 25 -39.62 -15.80 5.21
C ARG D 25 -39.10 -17.24 5.28
N PHE D 26 -37.91 -17.45 4.74
CA PHE D 26 -37.25 -18.77 4.77
C PHE D 26 -37.12 -19.29 6.18
N ALA D 27 -36.51 -18.49 7.04
CA ALA D 27 -36.23 -18.92 8.38
C ALA D 27 -37.52 -19.08 9.19
N ALA D 28 -38.47 -18.18 9.03
CA ALA D 28 -39.75 -18.31 9.78
C ALA D 28 -40.53 -19.60 9.38
N ARG D 29 -40.56 -19.85 8.08
CA ARG D 29 -41.12 -21.11 7.60
CA ARG D 29 -41.11 -21.11 7.58
C ARG D 29 -40.48 -22.49 8.19
N LEU D 30 -39.15 -22.42 8.23
CA LEU D 30 -38.40 -23.59 8.81
C LEU D 30 -38.49 -23.70 10.33
N GLY D 31 -38.43 -22.59 11.02
CA GLY D 31 -38.72 -22.57 12.48
C GLY D 31 -40.14 -23.07 12.83
N ALA D 32 -41.15 -22.67 12.07
CA ALA D 32 -42.55 -23.19 12.19
C ALA D 32 -42.69 -24.71 11.99
N GLN D 33 -41.81 -25.34 11.23
CA GLN D 33 -41.75 -26.82 11.19
C GLN D 33 -40.89 -27.43 12.31
N GLY D 34 -40.33 -26.63 13.22
CA GLY D 34 -39.38 -27.10 14.22
C GLY D 34 -37.95 -27.45 13.76
N ARG D 35 -37.55 -27.07 12.57
CA ARG D 35 -36.24 -27.41 12.10
C ARG D 35 -35.11 -26.45 12.48
N ARG D 36 -33.93 -26.97 12.72
CA ARG D 36 -32.78 -26.07 12.94
C ARG D 36 -32.36 -25.38 11.63
N VAL D 37 -31.79 -24.21 11.72
CA VAL D 37 -31.33 -23.43 10.54
C VAL D 37 -29.89 -22.94 10.78
N VAL D 38 -29.02 -23.11 9.77
CA VAL D 38 -27.64 -22.65 9.83
C VAL D 38 -27.42 -21.65 8.72
N LEU D 39 -26.77 -20.53 9.05
CA LEU D 39 -26.17 -19.65 8.06
C LEU D 39 -24.75 -20.15 7.82
N VAL D 40 -24.50 -20.61 6.60
CA VAL D 40 -23.14 -20.96 6.16
C VAL D 40 -22.64 -19.84 5.32
N THR D 41 -21.55 -19.18 5.72
CA THR D 41 -20.87 -18.18 4.86
C THR D 41 -19.61 -18.79 4.24
N SER D 42 -19.34 -18.44 2.98
CA SER D 42 -18.40 -19.19 2.18
C SER D 42 -17.79 -18.38 1.06
N GLY D 43 -16.49 -18.56 0.85
CA GLY D 43 -15.79 -17.77 -0.14
C GLY D 43 -15.18 -16.49 0.45
N GLY D 44 -14.42 -15.77 -0.35
CA GLY D 44 -13.74 -14.59 0.13
C GLY D 44 -14.40 -13.31 -0.33
N THR D 45 -14.17 -12.22 0.38
CA THR D 45 -14.62 -10.90 -0.03
C THR D 45 -13.47 -10.16 -0.71
N LYS D 46 -13.83 -9.14 -1.49
CA LYS D 46 -12.84 -8.24 -2.02
C LYS D 46 -13.17 -6.75 -1.85
N VAL D 47 -12.13 -5.90 -1.87
CA VAL D 47 -12.30 -4.45 -1.73
C VAL D 47 -11.64 -3.69 -2.87
N PRO D 48 -12.32 -2.64 -3.37
CA PRO D 48 -11.77 -1.86 -4.45
C PRO D 48 -10.73 -0.85 -3.96
N LEU D 49 -9.85 -0.44 -4.86
CA LEU D 49 -8.91 0.64 -4.61
C LEU D 49 -9.26 1.97 -5.34
N GLU D 50 -10.17 1.92 -6.31
CA GLU D 50 -10.53 3.09 -7.17
C GLU D 50 -12.07 3.15 -7.19
N ALA D 51 -12.62 4.34 -7.44
CA ALA D 51 -14.08 4.53 -7.56
C ALA D 51 -14.69 3.81 -8.77
N ARG D 52 -13.98 3.81 -9.86
CA ARG D 52 -14.33 2.93 -11.07
CA ARG D 52 -14.32 2.93 -11.07
C ARG D 52 -13.24 1.66 -11.11
N PRO D 53 -13.65 0.62 -10.38
CA PRO D 53 -12.52 -0.26 -10.01
C PRO D 53 -12.06 -1.24 -11.07
N VAL D 54 -10.75 -1.32 -11.32
CA VAL D 54 -10.21 -2.33 -12.20
C VAL D 54 -9.33 -3.32 -11.41
N ARG D 55 -9.13 -3.10 -10.11
CA ARG D 55 -8.36 -4.09 -9.30
C ARG D 55 -8.87 -4.11 -7.88
N PHE D 56 -8.63 -5.22 -7.19
CA PHE D 56 -9.25 -5.41 -5.90
C PHE D 56 -8.24 -6.13 -5.01
N LEU D 57 -8.25 -5.83 -3.72
CA LEU D 57 -7.54 -6.69 -2.76
C LEU D 57 -8.51 -7.78 -2.30
N ASP D 58 -8.18 -9.05 -2.59
CA ASP D 58 -9.09 -10.22 -2.47
C ASP D 58 -8.55 -11.25 -1.44
N ASN D 59 -9.31 -11.59 -0.41
CA ASN D 59 -8.86 -12.63 0.52
C ASN D 59 -9.12 -14.00 -0.11
N PHE D 60 -8.13 -14.89 0.02
CA PHE D 60 -8.17 -16.19 -0.58
C PHE D 60 -9.20 -17.15 0.10
N SER D 61 -10.01 -17.80 -0.73
CA SER D 61 -10.88 -18.94 -0.29
C SER D 61 -11.51 -19.57 -1.53
N SER D 62 -11.31 -20.92 -1.72
CA SER D 62 -11.91 -21.58 -2.91
C SER D 62 -13.48 -21.69 -2.73
N GLY D 63 -13.96 -21.71 -1.48
CA GLY D 63 -15.34 -22.03 -1.17
C GLY D 63 -15.62 -23.52 -0.93
N ARG D 64 -14.60 -24.36 -1.06
CA ARG D 64 -14.79 -25.81 -0.88
C ARG D 64 -15.26 -26.13 0.55
N ARG D 65 -14.65 -25.55 1.55
CA ARG D 65 -15.04 -25.83 2.92
C ARG D 65 -16.52 -25.51 3.08
N GLY D 66 -16.92 -24.32 2.68
CA GLY D 66 -18.33 -23.93 2.80
C GLY D 66 -19.36 -24.78 2.03
N ALA D 67 -19.06 -25.08 0.76
CA ALA D 67 -19.91 -25.91 -0.10
C ALA D 67 -20.07 -27.31 0.47
N THR D 68 -18.94 -27.93 0.86
CA THR D 68 -18.97 -29.27 1.43
C THR D 68 -19.71 -29.27 2.78
N SER D 69 -19.56 -28.20 3.58
CA SER D 69 -20.31 -28.11 4.85
C SER D 69 -21.78 -27.93 4.65
N ALA D 70 -22.17 -27.11 3.68
CA ALA D 70 -23.61 -27.00 3.35
C ALA D 70 -24.27 -28.36 2.97
N GLU D 71 -23.55 -29.18 2.21
CA GLU D 71 -24.01 -30.54 1.84
C GLU D 71 -24.17 -31.39 3.07
N ALA D 72 -23.18 -31.34 3.98
CA ALA D 72 -23.27 -32.16 5.17
C ALA D 72 -24.37 -31.69 6.13
N PHE D 73 -24.57 -30.38 6.26
CA PHE D 73 -25.71 -29.86 7.04
C PHE D 73 -27.09 -30.27 6.47
N LEU D 74 -27.26 -30.15 5.15
CA LEU D 74 -28.46 -30.63 4.48
C LEU D 74 -28.75 -32.11 4.76
N ALA D 75 -27.74 -32.96 4.69
CA ALA D 75 -27.90 -34.39 5.01
C ALA D 75 -28.25 -34.63 6.48
N ALA D 76 -27.76 -33.76 7.38
CA ALA D 76 -28.10 -33.83 8.81
C ALA D 76 -29.49 -33.25 9.19
N GLY D 77 -30.31 -32.81 8.24
CA GLY D 77 -31.62 -32.28 8.52
C GLY D 77 -31.79 -30.78 8.75
N TYR D 78 -30.72 -30.01 8.60
CA TYR D 78 -30.81 -28.55 8.85
C TYR D 78 -31.39 -27.87 7.62
N GLY D 79 -32.01 -26.74 7.83
CA GLY D 79 -32.18 -25.81 6.73
C GLY D 79 -30.90 -24.97 6.59
N VAL D 80 -30.50 -24.65 5.36
CA VAL D 80 -29.26 -23.98 5.10
C VAL D 80 -29.49 -22.68 4.32
N LEU D 81 -29.07 -21.56 4.93
CA LEU D 81 -29.01 -20.26 4.28
C LEU D 81 -27.54 -20.09 3.86
N PHE D 82 -27.27 -20.15 2.56
CA PHE D 82 -25.90 -20.24 2.01
C PHE D 82 -25.52 -18.85 1.42
N LEU D 83 -24.74 -18.07 2.16
CA LEU D 83 -24.31 -16.71 1.78
C LEU D 83 -22.91 -16.87 1.21
N TYR D 84 -22.78 -16.76 -0.10
CA TYR D 84 -21.55 -17.16 -0.76
C TYR D 84 -21.02 -16.22 -1.81
N ARG D 85 -19.72 -16.23 -1.99
CA ARG D 85 -19.03 -15.43 -3.02
C ARG D 85 -19.46 -15.96 -4.39
N ALA D 86 -19.97 -15.07 -5.23
CA ALA D 86 -20.49 -15.43 -6.55
C ALA D 86 -19.39 -16.15 -7.34
N ARG D 87 -19.71 -17.30 -7.91
CA ARG D 87 -18.78 -18.10 -8.69
C ARG D 87 -17.76 -18.97 -7.92
N SER D 88 -17.69 -18.83 -6.61
CA SER D 88 -16.89 -19.73 -5.78
C SER D 88 -17.63 -21.09 -5.74
N ALA D 89 -17.07 -22.09 -5.04
CA ALA D 89 -17.58 -23.43 -5.10
C ALA D 89 -19.03 -23.51 -4.66
N PHE D 90 -19.82 -24.25 -5.45
CA PHE D 90 -21.27 -24.42 -5.20
C PHE D 90 -21.55 -25.86 -4.78
N PRO D 91 -22.37 -26.04 -3.74
CA PRO D 91 -22.79 -27.36 -3.28
C PRO D 91 -23.20 -28.34 -4.40
N TYR D 92 -22.68 -29.56 -4.37
CA TYR D 92 -22.97 -30.65 -5.32
C TYR D 92 -22.27 -30.46 -6.69
N ALA D 93 -22.32 -29.26 -7.24
CA ALA D 93 -21.73 -29.03 -8.56
C ALA D 93 -20.24 -28.94 -8.57
N HIS D 94 -19.61 -28.60 -7.45
CA HIS D 94 -18.19 -28.23 -7.44
C HIS D 94 -17.32 -29.42 -7.76
N ARG D 95 -17.82 -30.65 -7.67
CA ARG D 95 -17.00 -31.81 -8.13
C ARG D 95 -17.03 -32.04 -9.65
N PHE D 96 -17.79 -31.26 -10.39
CA PHE D 96 -17.95 -31.45 -11.83
C PHE D 96 -17.64 -30.14 -12.58
N PRO D 97 -16.35 -29.81 -12.75
CA PRO D 97 -16.08 -28.59 -13.49
C PRO D 97 -16.50 -28.63 -15.02
N PRO D 98 -16.59 -27.45 -15.68
CA PRO D 98 -17.03 -27.31 -17.08
C PRO D 98 -16.39 -28.30 -18.06
N GLN D 99 -15.08 -28.47 -18.03
CA GLN D 99 -14.47 -29.36 -18.99
C GLN D 99 -14.88 -30.82 -18.76
N THR D 100 -15.14 -31.21 -17.52
CA THR D 100 -15.59 -32.59 -17.25
C THR D 100 -16.95 -32.86 -17.88
N TRP D 101 -17.93 -32.00 -17.66
CA TRP D 101 -19.25 -32.24 -18.20
C TRP D 101 -19.36 -31.95 -19.70
N LEU D 102 -18.64 -30.94 -20.19
CA LEU D 102 -18.58 -30.66 -21.63
C LEU D 102 -18.09 -31.85 -22.46
N SER D 103 -17.17 -32.62 -21.95
CA SER D 103 -16.72 -33.74 -22.71
C SER D 103 -17.48 -35.04 -22.46
N ALA D 104 -18.06 -35.20 -21.30
CA ALA D 104 -18.80 -36.42 -20.95
C ALA D 104 -20.24 -36.50 -21.53
N LEU D 105 -21.02 -35.40 -21.46
CA LEU D 105 -22.43 -35.38 -21.90
C LEU D 105 -22.58 -35.36 -23.42
N ARG D 106 -23.35 -36.30 -23.99
CA ARG D 106 -23.68 -36.27 -25.43
C ARG D 106 -25.20 -36.27 -25.68
N PRO D 107 -25.72 -35.43 -26.58
CA PRO D 107 -27.15 -35.59 -26.96
C PRO D 107 -27.44 -36.96 -27.59
N SER D 108 -28.57 -37.59 -27.25
CA SER D 108 -28.94 -38.89 -27.80
C SER D 108 -29.88 -38.75 -29.05
N GLY D 109 -30.25 -37.53 -29.39
CA GLY D 109 -30.98 -37.19 -30.63
C GLY D 109 -31.32 -35.69 -30.54
N PRO D 110 -32.00 -35.13 -31.54
CA PRO D 110 -32.55 -33.80 -31.40
C PRO D 110 -33.71 -33.77 -30.37
N ALA D 111 -33.97 -32.60 -29.80
CA ALA D 111 -35.02 -32.48 -28.80
C ALA D 111 -36.41 -32.68 -29.48
N LEU D 112 -37.16 -33.63 -28.98
CA LEU D 112 -38.46 -33.94 -29.48
C LEU D 112 -39.42 -33.74 -28.36
N SER D 113 -40.59 -33.24 -28.71
CA SER D 113 -41.69 -33.04 -27.74
C SER D 113 -41.20 -32.10 -26.62
N GLY D 114 -40.29 -31.16 -26.93
CA GLY D 114 -39.74 -30.19 -25.96
C GLY D 114 -38.75 -30.79 -24.91
N LEU D 115 -38.30 -32.02 -25.12
CA LEU D 115 -37.47 -32.78 -24.16
C LEU D 115 -36.08 -33.09 -24.78
N LEU D 116 -35.01 -32.67 -24.13
CA LEU D 116 -33.65 -32.94 -24.55
C LEU D 116 -33.16 -34.17 -23.81
N SER D 117 -32.70 -35.19 -24.51
CA SER D 117 -32.11 -36.37 -23.86
C SER D 117 -30.62 -36.44 -24.06
N LEU D 118 -29.91 -36.83 -23.02
CA LEU D 118 -28.46 -36.81 -22.94
C LEU D 118 -28.01 -38.16 -22.38
N GLU D 119 -26.80 -38.58 -22.76
CA GLU D 119 -26.18 -39.76 -22.13
C GLU D 119 -24.73 -39.51 -21.85
N ALA D 120 -24.19 -40.28 -20.92
CA ALA D 120 -22.80 -40.25 -20.58
C ALA D 120 -22.35 -41.64 -20.05
N GLU D 121 -21.07 -41.98 -20.23
CA GLU D 121 -20.42 -43.12 -19.53
C GLU D 121 -20.50 -42.80 -18.02
N GLU D 122 -21.09 -43.71 -17.23
CA GLU D 122 -21.19 -43.52 -15.79
C GLU D 122 -19.83 -43.27 -15.12
N ASN D 123 -18.81 -43.99 -15.58
CA ASN D 123 -17.46 -43.83 -15.03
CA ASN D 123 -17.47 -43.83 -15.02
C ASN D 123 -16.80 -42.48 -15.37
N ALA D 124 -17.29 -41.76 -16.39
CA ALA D 124 -16.82 -40.37 -16.64
C ALA D 124 -17.40 -39.27 -15.66
N LEU D 125 -18.57 -39.50 -15.06
CA LEU D 125 -19.19 -38.56 -14.10
C LEU D 125 -19.64 -39.30 -12.82
N PRO D 126 -18.65 -39.82 -12.05
CA PRO D 126 -19.05 -40.60 -10.86
C PRO D 126 -19.79 -39.73 -9.84
N GLY D 127 -20.90 -40.23 -9.33
CA GLY D 127 -21.71 -39.48 -8.38
C GLY D 127 -22.64 -38.40 -8.99
N PHE D 128 -22.72 -38.25 -10.31
CA PHE D 128 -23.44 -37.17 -10.95
C PHE D 128 -24.94 -37.27 -10.67
N ALA D 129 -25.51 -38.44 -10.86
CA ALA D 129 -26.94 -38.67 -10.55
C ALA D 129 -27.34 -38.42 -9.11
N GLU D 130 -26.50 -38.87 -8.19
CA GLU D 130 -26.73 -38.60 -6.76
C GLU D 130 -26.65 -37.06 -6.42
N ALA D 131 -25.73 -36.35 -7.06
CA ALA D 131 -25.67 -34.89 -6.92
C ALA D 131 -26.95 -34.20 -7.40
N LEU D 132 -27.43 -34.53 -8.60
CA LEU D 132 -28.69 -33.96 -9.10
C LEU D 132 -29.87 -34.25 -8.16
N ARG D 133 -29.96 -35.48 -7.71
CA ARG D 133 -31.03 -35.84 -6.75
C ARG D 133 -30.98 -35.09 -5.43
N SER D 134 -29.77 -34.98 -4.85
CA SER D 134 -29.67 -34.29 -3.54
C SER D 134 -30.04 -32.84 -3.65
N TYR D 135 -29.60 -32.19 -4.72
CA TYR D 135 -29.89 -30.76 -4.92
C TYR D 135 -31.37 -30.62 -5.11
N GLN D 136 -31.97 -31.46 -5.95
CA GLN D 136 -33.41 -31.33 -6.28
C GLN D 136 -34.32 -31.60 -5.05
N GLU D 137 -33.92 -32.53 -4.20
CA GLU D 137 -34.66 -32.83 -2.95
C GLU D 137 -34.67 -31.63 -1.98
N ALA D 138 -33.56 -30.92 -1.87
CA ALA D 138 -33.47 -29.71 -1.04
C ALA D 138 -34.26 -28.52 -1.56
N ALA D 139 -34.18 -28.24 -2.86
CA ALA D 139 -35.08 -27.29 -3.55
C ALA D 139 -36.57 -27.63 -3.35
N ALA D 140 -36.96 -28.90 -3.52
CA ALA D 140 -38.38 -29.30 -3.37
C ALA D 140 -38.90 -29.12 -1.91
N ALA D 141 -38.06 -29.40 -0.90
CA ALA D 141 -38.40 -29.24 0.50
C ALA D 141 -38.32 -27.75 0.96
N GLY D 142 -37.75 -26.86 0.14
CA GLY D 142 -37.51 -25.46 0.54
C GLY D 142 -36.51 -25.32 1.71
N THR D 143 -35.51 -26.20 1.79
CA THR D 143 -34.49 -26.17 2.86
C THR D 143 -33.18 -25.52 2.50
N PHE D 144 -33.08 -24.92 1.31
CA PHE D 144 -31.75 -24.45 0.81
C PHE D 144 -31.91 -23.13 0.13
N LEU D 145 -31.48 -22.06 0.77
CA LEU D 145 -31.63 -20.72 0.12
C LEU D 145 -30.22 -20.16 -0.17
N VAL D 146 -29.98 -19.73 -1.40
CA VAL D 146 -28.69 -19.26 -1.83
C VAL D 146 -28.72 -17.72 -1.97
N VAL D 147 -27.73 -17.02 -1.47
CA VAL D 147 -27.62 -15.55 -1.50
C VAL D 147 -26.18 -15.21 -1.89
N GLU D 148 -26.00 -14.54 -3.02
CA GLU D 148 -24.64 -14.29 -3.54
C GLU D 148 -24.08 -12.95 -3.10
N PHE D 149 -22.77 -12.84 -2.83
CA PHE D 149 -22.15 -11.55 -2.60
C PHE D 149 -20.89 -11.50 -3.46
N THR D 150 -20.29 -10.32 -3.58
CA THR D 150 -18.98 -10.15 -4.17
C THR D 150 -18.01 -9.30 -3.32
N THR D 151 -18.37 -8.04 -3.02
CA THR D 151 -17.52 -7.14 -2.27
C THR D 151 -17.68 -7.29 -0.74
N LEU D 152 -16.69 -6.81 0.00
CA LEU D 152 -16.85 -6.62 1.45
C LEU D 152 -18.17 -5.85 1.83
N ALA D 153 -18.41 -4.74 1.14
CA ALA D 153 -19.70 -4.04 1.33
C ALA D 153 -21.00 -4.90 1.19
N ASP D 154 -21.09 -5.71 0.14
CA ASP D 154 -22.20 -6.63 -0.05
C ASP D 154 -22.27 -7.60 1.13
N TYR D 155 -21.12 -8.16 1.49
CA TYR D 155 -21.09 -9.20 2.55
C TYR D 155 -21.59 -8.63 3.88
N LEU D 156 -21.08 -7.48 4.30
CA LEU D 156 -21.45 -6.87 5.63
C LEU D 156 -22.94 -6.56 5.75
N HIS D 157 -23.55 -5.95 4.71
CA HIS D 157 -25.01 -5.76 4.68
C HIS D 157 -25.84 -7.03 4.65
N LEU D 158 -25.40 -8.01 3.88
CA LEU D 158 -26.17 -9.28 3.85
C LEU D 158 -26.05 -10.12 5.12
N LEU D 159 -24.88 -10.11 5.73
CA LEU D 159 -24.69 -10.77 7.02
C LEU D 159 -25.59 -10.18 8.13
N GLN D 160 -25.66 -8.87 8.16
CA GLN D 160 -26.65 -8.19 9.05
C GLN D 160 -28.11 -8.55 8.78
N ALA D 161 -28.52 -8.62 7.52
CA ALA D 161 -29.85 -9.05 7.17
C ALA D 161 -30.09 -10.50 7.52
N ALA D 162 -29.08 -11.37 7.36
CA ALA D 162 -29.26 -12.79 7.73
C ALA D 162 -29.46 -12.95 9.24
N ALA D 163 -28.67 -12.19 10.02
CA ALA D 163 -28.77 -12.25 11.48
C ALA D 163 -30.14 -11.80 11.98
N GLN D 164 -30.71 -10.79 11.37
CA GLN D 164 -32.11 -10.35 11.62
C GLN D 164 -33.12 -11.41 11.29
N ALA D 165 -32.96 -12.08 10.17
CA ALA D 165 -33.76 -13.23 9.86
C ALA D 165 -33.67 -14.40 10.85
N LEU D 166 -32.48 -14.68 11.44
CA LEU D 166 -32.30 -15.88 12.29
C LEU D 166 -32.52 -15.61 13.76
N ASN D 167 -32.49 -14.34 14.14
CA ASN D 167 -32.71 -13.93 15.55
C ASN D 167 -34.05 -14.49 16.18
N PRO D 168 -35.16 -14.55 15.45
CA PRO D 168 -36.36 -15.13 16.08
C PRO D 168 -36.30 -16.62 16.46
N LEU D 169 -35.38 -17.38 15.87
CA LEU D 169 -35.24 -18.82 16.23
C LEU D 169 -34.46 -19.10 17.53
N GLY D 170 -33.88 -18.05 18.13
CA GLY D 170 -33.12 -18.16 19.36
C GLY D 170 -31.98 -19.15 19.24
N PRO D 171 -31.88 -20.07 20.21
CA PRO D 171 -30.85 -21.07 20.17
C PRO D 171 -30.93 -22.13 19.05
N SER D 172 -32.04 -22.26 18.34
CA SER D 172 -32.15 -23.20 17.20
C SER D 172 -31.43 -22.76 15.92
N ALA D 173 -30.99 -21.53 15.89
CA ALA D 173 -30.17 -21.02 14.80
C ALA D 173 -28.67 -21.20 15.08
N MET D 174 -27.91 -21.46 14.03
CA MET D 174 -26.47 -21.62 14.08
C MET D 174 -25.87 -20.67 13.06
N PHE D 175 -24.74 -20.07 13.40
CA PHE D 175 -23.93 -19.30 12.43
C PHE D 175 -22.60 -20.07 12.22
N TYR D 176 -22.22 -20.31 10.97
CA TYR D 176 -21.02 -21.07 10.64
C TYR D 176 -20.22 -20.21 9.72
N LEU D 177 -19.28 -19.45 10.28
CA LEU D 177 -18.70 -18.32 9.57
C LEU D 177 -17.37 -18.64 8.92
N ALA D 178 -17.46 -19.32 7.78
CA ALA D 178 -16.26 -19.80 7.02
C ALA D 178 -15.69 -18.81 6.04
N ALA D 179 -16.41 -17.72 5.76
CA ALA D 179 -15.97 -16.73 4.80
C ALA D 179 -14.68 -16.08 5.19
N ALA D 180 -13.86 -15.80 4.18
CA ALA D 180 -12.61 -15.12 4.37
C ALA D 180 -12.84 -13.61 4.15
N VAL D 181 -12.93 -12.83 5.21
CA VAL D 181 -13.44 -11.44 5.11
C VAL D 181 -12.30 -10.43 5.10
N SER D 182 -12.33 -9.50 4.14
CA SER D 182 -11.26 -8.44 4.01
C SER D 182 -10.94 -7.77 5.35
N ASP D 183 -9.69 -7.68 5.70
CA ASP D 183 -9.23 -7.09 6.93
C ASP D 183 -8.94 -5.56 6.77
N PHE D 184 -8.78 -5.10 5.53
CA PHE D 184 -8.43 -3.74 5.26
C PHE D 184 -9.30 -3.19 4.13
N TYR D 185 -9.46 -1.87 4.10
CA TYR D 185 -10.25 -1.18 3.04
C TYR D 185 -9.86 0.28 2.86
N VAL D 186 -10.29 0.88 1.74
CA VAL D 186 -10.08 2.27 1.42
C VAL D 186 -11.46 2.92 1.46
N PRO D 187 -11.66 3.88 2.36
CA PRO D 187 -13.03 4.49 2.44
C PRO D 187 -13.37 5.26 1.18
N VAL D 188 -14.67 5.27 0.83
CA VAL D 188 -15.22 5.96 -0.39
C VAL D 188 -14.58 7.35 -0.67
N SER D 189 -14.42 8.16 0.37
CA SER D 189 -13.75 9.49 0.22
C SER D 189 -12.26 9.59 -0.08
N GLU D 190 -11.47 8.55 0.17
CA GLU D 190 -10.03 8.63 -0.14
C GLU D 190 -9.65 7.96 -1.46
N MET D 191 -10.60 7.49 -2.26
CA MET D 191 -10.26 6.70 -3.48
C MET D 191 -10.04 7.63 -4.64
N PRO D 192 -9.05 7.37 -5.52
CA PRO D 192 -9.06 8.13 -6.79
C PRO D 192 -10.26 7.75 -7.65
N GLU D 193 -10.63 8.66 -8.54
CA GLU D 193 -11.79 8.53 -9.39
C GLU D 193 -11.56 7.43 -10.48
N HIS D 194 -10.42 7.49 -11.17
CA HIS D 194 -10.10 6.68 -12.35
C HIS D 194 -8.97 5.71 -12.15
N LYS D 195 -8.82 4.79 -13.12
CA LYS D 195 -7.77 3.74 -13.08
C LYS D 195 -6.42 4.30 -12.66
N ILE D 196 -5.75 3.65 -11.71
CA ILE D 196 -4.42 4.02 -11.36
C ILE D 196 -3.45 3.75 -12.52
N GLN D 197 -2.56 4.71 -12.81
CA GLN D 197 -1.60 4.57 -13.88
C GLN D 197 -0.32 3.88 -13.45
N SER D 198 0.07 2.81 -14.16
CA SER D 198 1.29 2.09 -13.76
C SER D 198 2.58 2.84 -14.09
N SER D 199 2.54 3.77 -15.02
CA SER D 199 3.71 4.62 -15.37
C SER D 199 4.01 5.68 -14.32
N GLY D 200 3.08 5.91 -13.39
CA GLY D 200 3.22 6.85 -12.30
C GLY D 200 4.07 6.43 -11.09
N GLY D 201 4.93 5.41 -11.22
CA GLY D 201 5.78 4.99 -10.10
C GLY D 201 5.19 3.87 -9.25
N PRO D 202 5.89 3.47 -8.20
CA PRO D 202 5.41 2.39 -7.37
C PRO D 202 4.05 2.72 -6.74
N LEU D 203 3.21 1.74 -6.45
CA LEU D 203 1.89 1.95 -5.80
C LEU D 203 2.11 1.99 -4.31
N GLN D 204 1.75 3.09 -3.66
CA GLN D 204 1.89 3.28 -2.22
C GLN D 204 0.47 3.53 -1.76
N ILE D 205 -0.07 2.56 -1.03
CA ILE D 205 -1.42 2.66 -0.49
C ILE D 205 -1.45 2.36 1.02
N THR D 206 -2.15 3.21 1.78
CA THR D 206 -2.50 2.90 3.15
C THR D 206 -4.01 2.55 3.17
N MET D 207 -4.31 1.44 3.78
CA MET D 207 -5.67 0.96 3.90
C MET D 207 -6.02 0.90 5.39
N LYS D 208 -7.19 1.38 5.76
CA LYS D 208 -7.71 1.33 7.12
C LYS D 208 -8.09 -0.10 7.50
N MET D 209 -8.08 -0.39 8.81
CA MET D 209 -8.63 -1.64 9.34
C MET D 209 -10.16 -1.64 9.21
N VAL D 210 -10.69 -2.76 8.71
CA VAL D 210 -12.12 -2.97 8.63
C VAL D 210 -12.61 -3.25 10.08
N PRO D 211 -13.69 -2.60 10.51
CA PRO D 211 -14.24 -2.94 11.84
C PRO D 211 -14.72 -4.43 11.94
N LYS D 212 -14.44 -5.02 13.11
CA LYS D 212 -14.70 -6.44 13.35
C LYS D 212 -16.14 -6.61 13.84
N LEU D 213 -17.04 -6.92 12.91
CA LEU D 213 -18.48 -7.05 13.19
C LEU D 213 -18.94 -8.33 13.91
N LEU D 214 -18.02 -9.24 14.19
CA LEU D 214 -18.33 -10.32 15.09
C LEU D 214 -18.77 -9.81 16.49
N SER D 215 -18.27 -8.67 16.98
CA SER D 215 -18.75 -8.11 18.32
C SER D 215 -20.21 -7.77 18.35
N PRO D 216 -20.65 -6.87 17.45
CA PRO D 216 -22.14 -6.58 17.38
C PRO D 216 -23.03 -7.77 16.97
N LEU D 217 -22.52 -8.63 16.10
CA LEU D 217 -23.23 -9.88 15.77
C LEU D 217 -23.59 -10.70 17.02
N VAL D 218 -22.59 -10.95 17.87
CA VAL D 218 -22.75 -11.76 19.07
C VAL D 218 -23.54 -11.02 20.16
N LYS D 219 -23.31 -9.70 20.32
CA LYS D 219 -23.93 -8.92 21.41
C LYS D 219 -25.33 -8.45 21.07
N ASP D 220 -25.56 -8.01 19.86
CA ASP D 220 -26.76 -7.25 19.51
C ASP D 220 -27.62 -7.93 18.45
N TRP D 221 -27.06 -8.47 17.35
CA TRP D 221 -27.88 -8.87 16.21
C TRP D 221 -28.53 -10.21 16.43
N ALA D 222 -27.79 -11.16 16.99
CA ALA D 222 -28.29 -12.49 17.21
C ALA D 222 -27.75 -13.05 18.54
N PRO D 223 -28.14 -12.41 19.66
CA PRO D 223 -27.59 -12.79 20.97
C PRO D 223 -27.90 -14.17 21.52
N LYS D 224 -28.86 -14.90 20.99
CA LYS D 224 -29.20 -16.27 21.54
C LYS D 224 -28.73 -17.42 20.64
N ALA D 225 -28.09 -17.07 19.54
CA ALA D 225 -27.73 -18.05 18.58
C ALA D 225 -26.46 -18.79 18.96
N PHE D 226 -26.30 -19.97 18.36
CA PHE D 226 -25.12 -20.81 18.50
C PHE D 226 -24.10 -20.39 17.44
N ILE D 227 -23.05 -19.66 17.84
CA ILE D 227 -22.13 -18.99 16.88
C ILE D 227 -20.77 -19.66 16.82
N ILE D 228 -20.40 -20.07 15.60
CA ILE D 228 -19.14 -20.75 15.31
C ILE D 228 -18.33 -19.93 14.36
N SER D 229 -17.12 -19.55 14.73
CA SER D 229 -16.20 -18.88 13.81
C SER D 229 -15.09 -19.82 13.40
N PHE D 230 -14.36 -19.41 12.39
CA PHE D 230 -13.16 -20.08 11.92
C PHE D 230 -11.98 -19.18 12.29
N LYS D 231 -10.79 -19.76 12.46
CA LYS D 231 -9.57 -18.97 12.67
C LYS D 231 -8.55 -19.54 11.72
N LEU D 232 -8.06 -18.71 10.79
CA LEU D 232 -7.02 -19.13 9.86
C LEU D 232 -5.65 -18.55 10.24
N GLU D 233 -4.72 -19.33 10.35
CA GLU D 233 -3.33 -18.89 10.59
C GLU D 233 -2.38 -19.61 9.59
N THR D 234 -1.19 -19.04 9.39
CA THR D 234 -0.17 -19.73 8.59
C THR D 234 0.91 -20.31 9.50
N ASP D 235 0.94 -19.93 10.77
CA ASP D 235 2.07 -20.23 11.68
C ASP D 235 1.58 -21.22 12.77
N PRO D 236 2.06 -22.47 12.74
CA PRO D 236 1.52 -23.45 13.67
C PRO D 236 1.94 -23.23 15.15
N ALA D 237 2.99 -22.44 15.39
CA ALA D 237 3.40 -22.08 16.79
C ALA D 237 2.36 -21.23 17.56
N ILE D 238 1.51 -20.48 16.82
CA ILE D 238 0.62 -19.47 17.37
C ILE D 238 -0.89 -19.72 17.25
N VAL D 239 -1.31 -20.75 16.52
CA VAL D 239 -2.72 -20.89 16.18
C VAL D 239 -3.64 -21.15 17.38
N ILE D 240 -3.21 -21.96 18.31
CA ILE D 240 -4.08 -22.23 19.47
C ILE D 240 -4.33 -20.97 20.34
N ASN D 241 -3.29 -20.24 20.62
CA ASN D 241 -3.37 -19.00 21.38
C ASN D 241 -4.27 -17.99 20.68
N ARG D 242 -4.13 -17.91 19.36
CA ARG D 242 -4.97 -16.95 18.59
C ARG D 242 -6.45 -17.37 18.61
N ALA D 243 -6.74 -18.67 18.54
CA ALA D 243 -8.11 -19.16 18.62
C ALA D 243 -8.74 -18.87 19.99
N ARG D 244 -7.99 -19.12 21.04
CA ARG D 244 -8.45 -18.82 22.39
C ARG D 244 -8.71 -17.31 22.63
N LYS D 245 -7.84 -16.48 22.12
CA LYS D 245 -7.97 -15.01 22.22
C LYS D 245 -9.24 -14.56 21.50
N ALA D 246 -9.53 -15.15 20.31
CA ALA D 246 -10.84 -14.84 19.66
C ALA D 246 -12.06 -15.08 20.56
N LEU D 247 -12.10 -16.20 21.26
CA LEU D 247 -13.25 -16.47 22.14
C LEU D 247 -13.33 -15.48 23.31
N GLU D 248 -12.17 -15.10 23.85
CA GLU D 248 -12.08 -14.09 24.90
C GLU D 248 -12.60 -12.72 24.47
N ILE D 249 -12.18 -12.26 23.30
CA ILE D 249 -12.63 -11.00 22.77
C ILE D 249 -14.12 -10.99 22.29
N TYR D 250 -14.55 -11.98 21.47
CA TYR D 250 -15.90 -11.93 20.90
C TYR D 250 -17.00 -12.65 21.74
N GLN D 251 -16.62 -13.55 22.62
CA GLN D 251 -17.57 -14.19 23.56
C GLN D 251 -18.60 -15.13 22.93
N HIS D 252 -18.27 -15.70 21.79
CA HIS D 252 -19.14 -16.68 21.13
C HIS D 252 -18.78 -18.11 21.61
N GLN D 253 -19.34 -19.15 21.00
CA GLN D 253 -19.19 -20.50 21.57
C GLN D 253 -18.02 -21.39 21.12
N VAL D 254 -17.69 -21.40 19.81
CA VAL D 254 -16.68 -22.34 19.28
C VAL D 254 -15.85 -21.65 18.22
N VAL D 255 -14.57 -22.01 18.12
CA VAL D 255 -13.70 -21.67 17.00
C VAL D 255 -13.21 -22.93 16.32
N VAL D 256 -13.36 -23.01 14.98
CA VAL D 256 -12.70 -24.06 14.17
C VAL D 256 -11.43 -23.50 13.65
N ALA D 257 -10.31 -23.98 14.19
CA ALA D 257 -8.99 -23.47 13.84
C ALA D 257 -8.36 -24.28 12.76
N ASN D 258 -7.61 -23.61 11.88
CA ASN D 258 -6.95 -24.34 10.77
C ASN D 258 -5.72 -23.58 10.29
N ILE D 259 -4.78 -24.33 9.75
CA ILE D 259 -3.51 -23.85 9.16
C ILE D 259 -3.67 -23.97 7.65
N LEU D 260 -3.31 -22.92 6.93
CA LEU D 260 -3.54 -22.82 5.49
C LEU D 260 -3.16 -24.13 4.74
N GLU D 261 -1.93 -24.58 4.87
CA GLU D 261 -1.40 -25.72 4.07
C GLU D 261 -2.10 -27.07 4.35
N SER D 262 -2.53 -27.31 5.57
CA SER D 262 -3.17 -28.60 5.92
C SER D 262 -4.68 -28.57 6.06
N ARG D 263 -5.33 -27.49 5.59
CA ARG D 263 -6.74 -27.29 5.92
C ARG D 263 -7.73 -28.33 5.40
N GLN D 264 -7.36 -29.00 4.30
CA GLN D 264 -8.24 -30.05 3.77
C GLN D 264 -8.27 -31.33 4.63
N SER D 265 -7.23 -31.55 5.43
CA SER D 265 -7.09 -32.82 6.13
C SER D 265 -7.10 -32.71 7.66
N PHE D 266 -7.07 -31.49 8.17
CA PHE D 266 -7.03 -31.24 9.60
C PHE D 266 -7.61 -29.93 10.12
N VAL D 267 -8.41 -30.03 11.17
CA VAL D 267 -8.89 -28.88 11.90
C VAL D 267 -8.86 -29.15 13.41
N LEU D 268 -8.87 -28.09 14.17
CA LEU D 268 -8.89 -28.18 15.60
C LEU D 268 -10.12 -27.45 16.11
N ILE D 269 -11.00 -28.12 16.81
CA ILE D 269 -12.20 -27.51 17.39
C ILE D 269 -11.82 -26.93 18.79
N VAL D 270 -11.89 -25.62 18.96
CA VAL D 270 -11.40 -24.94 20.15
C VAL D 270 -12.57 -24.31 20.86
N THR D 271 -12.67 -24.56 22.16
CA THR D 271 -13.56 -23.80 23.05
C THR D 271 -12.77 -23.08 24.16
N LYS D 272 -13.45 -22.32 25.02
CA LYS D 272 -12.74 -21.66 26.17
C LYS D 272 -11.93 -22.65 27.00
N ASP D 273 -12.43 -23.86 27.19
CA ASP D 273 -11.69 -24.80 28.06
C ASP D 273 -11.22 -26.15 27.46
N SER D 274 -11.35 -26.36 26.15
CA SER D 274 -10.82 -27.58 25.52
C SER D 274 -10.42 -27.37 24.07
N GLU D 275 -9.64 -28.34 23.57
CA GLU D 275 -9.29 -28.49 22.12
C GLU D 275 -9.52 -29.91 21.66
N THR D 276 -10.05 -30.07 20.45
CA THR D 276 -10.31 -31.44 19.90
C THR D 276 -9.73 -31.50 18.49
N LYS D 277 -8.88 -32.49 18.24
CA LYS D 277 -8.29 -32.67 16.92
C LYS D 277 -9.20 -33.44 16.01
N LEU D 278 -9.38 -33.01 14.76
CA LEU D 278 -10.14 -33.77 13.79
C LEU D 278 -9.21 -33.97 12.61
N LEU D 279 -8.82 -35.23 12.38
CA LEU D 279 -7.82 -35.57 11.43
C LEU D 279 -8.42 -36.67 10.61
N LEU D 280 -8.25 -36.54 9.31
CA LEU D 280 -8.79 -37.53 8.39
C LEU D 280 -7.86 -38.77 8.29
N SER D 281 -8.36 -39.96 8.63
CA SER D 281 -7.62 -41.27 8.45
C SER D 281 -7.04 -41.63 7.04
N GLU D 282 -6.16 -42.65 7.06
CA GLU D 282 -5.84 -43.50 5.89
C GLU D 282 -7.12 -44.29 5.43
N GLU D 283 -7.78 -44.98 6.40
CA GLU D 283 -9.05 -45.75 6.18
C GLU D 283 -10.32 -44.94 5.83
N GLU D 284 -10.24 -43.62 5.98
CA GLU D 284 -11.31 -42.66 5.64
C GLU D 284 -11.02 -41.95 4.32
N ILE D 285 -9.77 -41.58 4.02
CA ILE D 285 -9.45 -41.01 2.68
C ILE D 285 -9.80 -41.99 1.57
N GLU D 286 -9.64 -43.31 1.83
CA GLU D 286 -10.04 -44.36 0.87
C GLU D 286 -11.56 -44.45 0.76
N LYS D 287 -12.24 -44.70 1.89
CA LYS D 287 -13.72 -44.82 1.88
C LYS D 287 -14.51 -43.52 1.51
N GLY D 288 -13.84 -42.50 0.92
CA GLY D 288 -14.49 -41.27 0.40
C GLY D 288 -14.70 -40.04 1.30
N VAL D 289 -14.65 -40.19 2.63
CA VAL D 289 -15.12 -39.15 3.53
C VAL D 289 -14.29 -37.83 3.49
N GLU D 290 -14.99 -36.74 3.69
CA GLU D 290 -14.39 -35.39 3.73
C GLU D 290 -14.36 -34.87 5.13
N ILE D 291 -13.43 -33.95 5.40
CA ILE D 291 -13.32 -33.46 6.77
C ILE D 291 -14.60 -32.72 7.23
N GLU D 292 -15.35 -32.15 6.29
CA GLU D 292 -16.51 -31.40 6.69
C GLU D 292 -17.61 -32.25 7.25
N GLU D 293 -17.71 -33.52 6.83
CA GLU D 293 -18.71 -34.42 7.50
C GLU D 293 -18.36 -34.60 8.98
N LYS D 294 -17.07 -34.72 9.30
CA LYS D 294 -16.67 -34.84 10.71
C LYS D 294 -16.89 -33.56 11.50
N ILE D 295 -16.63 -32.40 10.88
CA ILE D 295 -16.92 -31.10 11.52
C ILE D 295 -18.35 -31.00 11.86
N VAL D 296 -19.23 -31.28 10.87
CA VAL D 296 -20.65 -31.10 11.07
C VAL D 296 -21.18 -32.09 12.09
N ASP D 297 -20.65 -33.30 12.09
CA ASP D 297 -21.07 -34.26 13.14
C ASP D 297 -20.73 -33.76 14.59
N ASN D 298 -19.53 -33.19 14.79
CA ASN D 298 -19.13 -32.57 16.11
C ASN D 298 -20.00 -31.39 16.47
N LEU D 299 -20.19 -30.43 15.53
CA LEU D 299 -21.04 -29.30 15.73
C LEU D 299 -22.52 -29.52 15.97
N GLN D 300 -23.11 -30.43 15.24
CA GLN D 300 -24.54 -30.73 15.49
C GLN D 300 -24.78 -31.28 16.89
N SER D 301 -23.88 -32.14 17.33
CA SER D 301 -23.94 -32.71 18.68
C SER D 301 -23.80 -31.60 19.73
N ARG D 302 -22.81 -30.70 19.56
CA ARG D 302 -22.71 -29.51 20.43
C ARG D 302 -23.92 -28.64 20.42
N HIS D 303 -24.55 -28.44 19.25
CA HIS D 303 -25.75 -27.60 19.09
C HIS D 303 -26.95 -28.22 19.86
N THR D 304 -27.08 -29.55 19.77
CA THR D 304 -28.10 -30.26 20.59
C THR D 304 -27.94 -29.90 22.12
N ALA D 305 -26.73 -30.02 22.64
CA ALA D 305 -26.47 -29.70 24.07
C ALA D 305 -26.72 -28.22 24.40
N PHE D 306 -26.42 -27.32 23.45
CA PHE D 306 -26.66 -25.91 23.65
C PHE D 306 -28.15 -25.54 23.66
N ILE D 307 -28.93 -26.20 22.81
CA ILE D 307 -30.38 -26.00 22.77
C ILE D 307 -30.96 -26.51 24.07
N GLY D 308 -30.50 -27.65 24.58
CA GLY D 308 -30.91 -28.12 25.93
C GLY D 308 -32.18 -28.99 26.03
N ASP D 309 -32.94 -28.95 24.94
CA ASP D 309 -34.17 -29.66 24.74
C ASP D 309 -35.28 -28.87 25.41
#